data_7BTH
#
_entry.id   7BTH
#
_cell.length_a   94.610
_cell.length_b   168.220
_cell.length_c   169.020
_cell.angle_alpha   90.000
_cell.angle_beta   90.000
_cell.angle_gamma   90.000
#
_symmetry.space_group_name_H-M   'C 2 2 21'
#
loop_
_entity.id
_entity.type
_entity.pdbx_description
1 polymer lectin
2 non-polymer GLYCEROL
3 water water
#
_entity_poly.entity_id   1
_entity_poly.type   'polypeptide(L)'
_entity_poly.pdbx_seq_one_letter_code
;MAQNDNYIYSTEVGGVGGTPFTFMQESGTITSIKFNWSDQYKLLHHIEVKFINNANIYATGDPKGNHEVILEIDDDETII
GSVIGYKKGNDGRCTGVKLTTSKGKSIMAGYFEESLITTYTGKLAGIKGGAGSDIDRLGLIFLKK
;
_entity_poly.pdbx_strand_id   B,G,A,D,E,F,C
#
loop_
_chem_comp.id
_chem_comp.type
_chem_comp.name
_chem_comp.formula
GOL non-polymer GLYCEROL 'C3 H8 O3'
#
# COMPACT_ATOMS: atom_id res chain seq x y z
N ASN A 6 6.58 29.05 -27.90
CA ASN A 6 6.67 28.87 -26.40
C ASN A 6 5.70 27.79 -25.91
N TYR A 7 4.38 27.97 -26.00
CA TYR A 7 3.30 27.18 -25.36
C TYR A 7 3.04 25.82 -26.05
N ILE A 8 2.62 24.80 -25.29
CA ILE A 8 2.16 23.46 -25.77
C ILE A 8 0.63 23.39 -25.73
N TYR A 9 0.00 23.13 -26.87
CA TYR A 9 -1.48 23.12 -26.99
C TYR A 9 -2.00 21.68 -26.89
N SER A 10 -2.65 21.33 -25.79
CA SER A 10 -3.40 20.03 -25.69
C SER A 10 -4.54 20.04 -26.74
N THR A 11 -4.88 18.89 -27.29
CA THR A 11 -6.04 18.73 -28.19
C THR A 11 -7.30 19.19 -27.45
N GLU A 12 -8.05 20.10 -28.06
CA GLU A 12 -9.36 20.54 -27.55
C GLU A 12 -10.34 19.39 -27.75
N VAL A 13 -11.01 18.91 -26.71
CA VAL A 13 -11.92 17.75 -26.84
C VAL A 13 -13.36 18.21 -26.60
N GLY A 14 -14.31 17.57 -27.28
CA GLY A 14 -15.75 17.87 -27.22
C GLY A 14 -16.25 18.32 -28.57
N GLY A 15 -17.32 19.10 -28.62
CA GLY A 15 -18.01 19.47 -29.86
C GLY A 15 -17.44 20.71 -30.52
N VAL A 16 -17.96 21.00 -31.72
CA VAL A 16 -17.62 22.18 -32.56
C VAL A 16 -18.42 23.41 -32.11
N GLY A 17 -19.51 23.23 -31.33
CA GLY A 17 -20.48 24.27 -30.97
C GLY A 17 -19.98 25.26 -29.93
N GLY A 18 -20.87 26.13 -29.44
CA GLY A 18 -20.56 27.25 -28.54
C GLY A 18 -19.67 28.34 -29.17
N THR A 19 -19.34 29.36 -28.39
CA THR A 19 -18.53 30.54 -28.80
C THR A 19 -17.07 30.31 -28.39
N PRO A 20 -16.10 30.40 -29.33
CA PRO A 20 -14.67 30.29 -29.00
C PRO A 20 -14.15 31.18 -27.86
N PHE A 21 -13.22 30.69 -27.05
CA PHE A 21 -12.42 31.47 -26.07
C PHE A 21 -10.95 31.02 -26.09
N THR A 22 -10.07 31.94 -25.70
CA THR A 22 -8.61 31.73 -25.50
C THR A 22 -8.15 32.63 -24.35
N PHE A 23 -7.66 32.06 -23.23
CA PHE A 23 -7.13 32.82 -22.07
C PHE A 23 -5.61 32.56 -21.96
N MET A 24 -4.81 33.63 -22.00
CA MET A 24 -3.34 33.64 -21.74
C MET A 24 -2.90 35.08 -21.40
N GLN A 25 -1.72 35.30 -20.77
CA GLN A 25 -1.36 36.64 -20.23
C GLN A 25 0.10 37.06 -20.44
N GLU A 26 0.96 36.25 -21.07
CA GLU A 26 2.39 36.60 -21.42
C GLU A 26 3.03 37.44 -20.29
N THR A 29 1.13 33.00 -15.98
CA THR A 29 0.56 31.63 -15.81
C THR A 29 -0.70 31.65 -14.93
N ILE A 30 -1.53 30.60 -15.05
CA ILE A 30 -2.80 30.40 -14.28
C ILE A 30 -2.45 30.21 -12.78
N THR A 31 -3.22 30.86 -11.92
CA THR A 31 -3.04 30.83 -10.45
C THR A 31 -4.34 30.35 -9.78
N SER A 32 -5.44 30.35 -10.49
CA SER A 32 -6.74 29.86 -9.95
C SER A 32 -7.55 29.41 -11.16
N ILE A 33 -8.24 28.28 -11.04
CA ILE A 33 -9.20 27.84 -12.09
C ILE A 33 -10.39 27.21 -11.39
N LYS A 34 -11.59 27.48 -11.89
CA LYS A 34 -12.82 26.99 -11.25
C LYS A 34 -13.67 26.34 -12.31
N PHE A 35 -14.36 25.24 -11.99
CA PHE A 35 -15.20 24.48 -12.94
C PHE A 35 -16.61 24.36 -12.37
N ASN A 36 -17.63 24.70 -13.15
CA ASN A 36 -19.04 24.58 -12.71
C ASN A 36 -19.61 23.38 -13.44
N TRP A 37 -20.41 22.54 -12.80
CA TRP A 37 -21.04 21.39 -13.51
C TRP A 37 -22.38 21.08 -12.84
N SER A 38 -23.20 20.25 -13.49
CA SER A 38 -24.59 19.93 -13.06
C SER A 38 -24.71 18.42 -12.86
N ASP A 39 -25.51 18.00 -11.89
CA ASP A 39 -25.94 16.57 -11.80
C ASP A 39 -27.05 16.31 -12.83
N GLN A 40 -27.74 17.35 -13.28
CA GLN A 40 -28.94 17.21 -14.14
C GLN A 40 -28.51 16.90 -15.58
N TYR A 41 -27.45 17.57 -16.07
CA TYR A 41 -26.92 17.46 -17.46
C TYR A 41 -25.62 16.66 -17.50
N LYS A 42 -24.91 16.49 -16.37
CA LYS A 42 -23.63 15.73 -16.28
C LYS A 42 -22.59 16.28 -17.26
N LEU A 43 -22.54 17.62 -17.39
CA LEU A 43 -21.60 18.37 -18.25
C LEU A 43 -20.88 19.40 -17.39
N LEU A 44 -19.72 19.88 -17.83
CA LEU A 44 -19.23 21.22 -17.44
C LEU A 44 -20.13 22.26 -18.12
N HIS A 45 -20.44 23.35 -17.42
CA HIS A 45 -21.27 24.45 -17.93
C HIS A 45 -20.43 25.72 -18.00
N HIS A 46 -19.46 25.92 -17.11
CA HIS A 46 -18.80 27.24 -16.94
C HIS A 46 -17.39 27.08 -16.36
N ILE A 47 -16.45 27.88 -16.82
CA ILE A 47 -15.06 27.88 -16.29
C ILE A 47 -14.66 29.31 -16.03
N GLU A 48 -13.89 29.54 -14.98
CA GLU A 48 -13.27 30.85 -14.64
C GLU A 48 -11.79 30.62 -14.43
N VAL A 49 -10.97 31.61 -14.74
CA VAL A 49 -9.49 31.53 -14.63
C VAL A 49 -8.98 32.88 -14.14
N LYS A 50 -8.05 32.88 -13.17
CA LYS A 50 -7.31 34.10 -12.75
C LYS A 50 -5.84 33.84 -13.05
N PHE A 51 -5.08 34.90 -13.23
CA PHE A 51 -3.65 34.84 -13.64
C PHE A 51 -2.84 35.58 -12.60
N ILE A 52 -1.59 35.18 -12.46
CA ILE A 52 -0.49 35.86 -11.73
C ILE A 52 -0.55 37.35 -12.04
N ASN A 53 -0.45 38.22 -11.02
CA ASN A 53 -0.29 39.69 -11.16
C ASN A 53 -1.40 40.28 -12.06
N ASN A 54 -2.66 39.86 -11.86
CA ASN A 54 -3.85 40.31 -12.66
C ASN A 54 -5.12 39.84 -11.95
N ALA A 55 -5.89 40.78 -11.40
CA ALA A 55 -7.04 40.52 -10.48
C ALA A 55 -8.29 40.09 -11.27
N ASN A 56 -8.25 40.12 -12.61
CA ASN A 56 -9.41 39.89 -13.49
C ASN A 56 -9.79 38.42 -13.53
N ILE A 57 -11.10 38.17 -13.39
CA ILE A 57 -11.82 36.88 -13.65
C ILE A 57 -12.16 36.84 -15.13
N TYR A 58 -11.53 35.90 -15.86
CA TYR A 58 -11.85 35.49 -17.26
C TYR A 58 -12.78 34.27 -17.19
N ALA A 59 -14.07 34.49 -17.38
CA ALA A 59 -15.13 33.46 -17.34
C ALA A 59 -15.55 33.12 -18.77
N THR A 60 -16.39 32.10 -18.91
CA THR A 60 -16.96 31.62 -20.19
C THR A 60 -17.93 30.48 -19.87
N GLY A 61 -19.04 30.36 -20.59
CA GLY A 61 -20.10 29.39 -20.28
C GLY A 61 -21.10 29.96 -19.30
N ASP A 62 -22.20 29.26 -19.06
CA ASP A 62 -23.33 29.68 -18.19
C ASP A 62 -23.24 28.93 -16.87
N PRO A 63 -22.94 29.59 -15.72
CA PRO A 63 -22.71 28.86 -14.46
C PRO A 63 -24.00 28.40 -13.77
N LYS A 64 -24.78 27.56 -14.44
CA LYS A 64 -26.15 27.12 -14.04
C LYS A 64 -26.08 25.80 -13.26
N GLY A 65 -24.90 25.19 -13.16
CA GLY A 65 -24.72 23.89 -12.48
C GLY A 65 -24.70 24.03 -10.98
N ASN A 66 -25.09 22.97 -10.27
CA ASN A 66 -25.26 22.90 -8.79
C ASN A 66 -23.93 22.64 -8.06
N HIS A 67 -22.81 22.41 -8.76
CA HIS A 67 -21.48 22.14 -8.14
C HIS A 67 -20.42 23.06 -8.71
N GLU A 68 -19.40 23.42 -7.92
CA GLU A 68 -18.14 23.96 -8.48
C GLU A 68 -16.94 23.49 -7.66
N VAL A 69 -15.76 23.57 -8.26
CA VAL A 69 -14.48 23.32 -7.55
C VAL A 69 -13.50 24.38 -8.01
N ILE A 70 -12.62 24.78 -7.12
CA ILE A 70 -11.54 25.76 -7.39
C ILE A 70 -10.21 25.09 -7.07
N LEU A 71 -9.25 25.18 -7.96
CA LEU A 71 -7.88 24.73 -7.67
C LEU A 71 -6.99 25.96 -7.65
N GLU A 72 -6.35 26.26 -6.53
CA GLU A 72 -5.39 27.40 -6.50
C GLU A 72 -4.03 26.80 -6.82
N ILE A 73 -3.24 27.45 -7.68
CA ILE A 73 -1.91 26.91 -8.06
C ILE A 73 -0.84 27.88 -7.56
N ASP A 74 0.03 27.40 -6.67
CA ASP A 74 1.23 28.14 -6.19
C ASP A 74 2.03 28.52 -7.45
N ASP A 75 2.83 29.60 -7.39
CA ASP A 75 3.55 30.17 -8.55
C ASP A 75 4.41 29.07 -9.18
N ASP A 76 5.11 28.29 -8.36
CA ASP A 76 6.16 27.32 -8.79
C ASP A 76 5.57 25.92 -9.05
N GLU A 77 4.24 25.74 -8.89
CA GLU A 77 3.49 24.45 -8.90
C GLU A 77 3.06 24.06 -10.33
N THR A 78 3.50 22.92 -10.85
CA THR A 78 3.15 22.43 -12.21
C THR A 78 2.02 21.39 -12.10
N ILE A 79 1.34 21.13 -13.21
CA ILE A 79 0.37 20.00 -13.34
C ILE A 79 1.17 18.77 -13.78
N ILE A 80 1.06 17.65 -13.06
CA ILE A 80 1.84 16.40 -13.33
C ILE A 80 0.90 15.32 -13.86
N GLY A 81 -0.40 15.48 -13.67
CA GLY A 81 -1.43 14.55 -14.16
C GLY A 81 -2.69 15.31 -14.46
N SER A 82 -3.34 15.00 -15.59
CA SER A 82 -4.50 15.75 -16.12
C SER A 82 -5.33 14.86 -17.03
N VAL A 83 -6.64 14.78 -16.79
CA VAL A 83 -7.61 14.02 -17.61
C VAL A 83 -8.84 14.89 -17.85
N ILE A 84 -9.29 15.02 -19.10
CA ILE A 84 -10.60 15.65 -19.44
C ILE A 84 -11.53 14.56 -19.93
N GLY A 85 -12.68 14.42 -19.29
CA GLY A 85 -13.81 13.61 -19.80
C GLY A 85 -14.62 14.45 -20.76
N TYR A 86 -15.15 13.84 -21.83
CA TYR A 86 -15.92 14.53 -22.90
C TYR A 86 -16.80 13.54 -23.64
N LYS A 87 -17.89 14.05 -24.22
CA LYS A 87 -18.67 13.37 -25.30
C LYS A 87 -18.03 13.74 -26.63
N LYS A 88 -17.71 12.74 -27.44
CA LYS A 88 -17.02 12.95 -28.75
C LYS A 88 -18.11 13.29 -29.77
N GLY A 89 -17.72 13.90 -30.89
CA GLY A 89 -18.65 14.21 -32.00
C GLY A 89 -18.86 15.69 -32.16
N ASN A 90 -19.41 16.12 -33.29
CA ASN A 90 -19.68 17.55 -33.56
C ASN A 90 -20.56 18.11 -32.44
N ASP A 91 -21.61 17.37 -32.04
CA ASP A 91 -22.59 17.82 -31.00
C ASP A 91 -22.04 17.43 -29.61
N GLY A 92 -20.72 17.37 -29.46
CA GLY A 92 -20.04 16.89 -28.26
C GLY A 92 -19.97 17.98 -27.21
N ARG A 93 -19.59 17.61 -25.98
CA ARG A 93 -19.49 18.48 -24.79
C ARG A 93 -18.33 17.99 -23.94
N CYS A 94 -17.69 18.84 -23.17
CA CYS A 94 -16.76 18.41 -22.07
C CYS A 94 -17.53 18.06 -20.83
N THR A 95 -17.25 16.94 -20.16
CA THR A 95 -18.10 16.48 -19.04
C THR A 95 -17.36 16.51 -17.71
N GLY A 96 -16.02 16.44 -17.69
CA GLY A 96 -15.24 16.36 -16.45
C GLY A 96 -13.81 16.85 -16.61
N VAL A 97 -13.20 17.30 -15.50
CA VAL A 97 -11.72 17.50 -15.41
C VAL A 97 -11.20 16.97 -14.07
N LYS A 98 -10.20 16.05 -14.13
CA LYS A 98 -9.31 15.65 -13.01
C LYS A 98 -7.95 16.34 -13.26
N LEU A 99 -7.40 17.05 -12.26
CA LEU A 99 -6.00 17.59 -12.32
C LEU A 99 -5.30 17.22 -11.04
N THR A 100 -3.99 16.93 -11.12
CA THR A 100 -3.09 16.67 -9.99
C THR A 100 -1.83 17.51 -10.17
N THR A 101 -1.34 18.13 -9.10
CA THR A 101 -0.22 19.09 -9.13
C THR A 101 1.06 18.46 -8.63
N SER A 102 2.16 19.17 -8.80
CA SER A 102 3.52 18.77 -8.33
C SER A 102 3.59 18.85 -6.80
N LYS A 103 2.51 19.22 -6.11
CA LYS A 103 2.45 19.32 -4.64
C LYS A 103 1.28 18.50 -4.10
N GLY A 104 0.84 17.48 -4.83
CA GLY A 104 -0.15 16.50 -4.33
C GLY A 104 -1.55 17.06 -4.27
N LYS A 105 -1.77 18.25 -4.77
CA LYS A 105 -3.14 18.85 -4.80
C LYS A 105 -3.86 18.22 -5.99
N SER A 106 -5.15 17.96 -5.86
CA SER A 106 -5.95 17.38 -6.96
C SER A 106 -7.41 17.86 -6.91
N ILE A 107 -8.03 18.06 -8.07
CA ILE A 107 -9.49 18.31 -8.16
C ILE A 107 -10.11 17.28 -9.09
N MET A 108 -11.39 17.02 -8.84
CA MET A 108 -12.27 16.26 -9.73
C MET A 108 -13.55 17.07 -9.91
N ALA A 109 -13.84 17.41 -11.17
CA ALA A 109 -15.07 18.13 -11.59
C ALA A 109 -15.86 17.25 -12.55
N GLY A 110 -17.12 17.05 -12.28
CA GLY A 110 -18.10 16.45 -13.20
C GLY A 110 -17.85 15.01 -13.46
N TYR A 111 -18.14 14.56 -14.68
CA TYR A 111 -18.38 13.14 -15.00
C TYR A 111 -17.40 12.66 -16.05
N PHE A 112 -17.23 11.33 -16.10
CA PHE A 112 -16.25 10.66 -16.98
C PHE A 112 -16.87 9.39 -17.55
N GLU A 113 -18.13 9.42 -17.97
CA GLU A 113 -18.89 8.23 -18.38
C GLU A 113 -18.74 7.93 -19.89
N GLU A 114 -17.92 8.67 -20.65
CA GLU A 114 -17.78 8.39 -22.10
C GLU A 114 -16.32 8.41 -22.58
N SER A 115 -15.74 9.55 -22.91
CA SER A 115 -14.39 9.57 -23.54
C SER A 115 -13.43 10.31 -22.62
N LEU A 116 -12.14 10.11 -22.81
CA LEU A 116 -11.09 10.68 -21.92
C LEU A 116 -9.89 11.06 -22.78
N ILE A 117 -9.22 12.13 -22.42
CA ILE A 117 -7.86 12.44 -22.91
C ILE A 117 -6.99 12.56 -21.67
N THR A 118 -5.83 11.91 -21.69
CA THR A 118 -4.76 12.13 -20.72
C THR A 118 -3.82 13.12 -21.39
N THR A 119 -3.78 14.34 -20.90
CA THR A 119 -3.17 15.46 -21.65
C THR A 119 -1.67 15.50 -21.41
N TYR A 120 -0.99 16.38 -22.15
CA TYR A 120 0.39 16.83 -21.87
C TYR A 120 0.36 17.42 -20.47
N THR A 121 1.52 17.63 -19.89
CA THR A 121 1.70 18.13 -18.50
C THR A 121 2.75 19.25 -18.53
N GLY A 122 2.75 20.06 -17.49
CA GLY A 122 3.70 21.19 -17.29
C GLY A 122 3.05 22.29 -16.48
N LYS A 123 3.62 23.49 -16.58
CA LYS A 123 3.10 24.73 -15.95
C LYS A 123 1.82 25.15 -16.67
N LEU A 124 0.66 25.08 -16.01
CA LEU A 124 -0.65 25.39 -16.66
C LEU A 124 -0.68 26.89 -16.90
N ALA A 125 -0.70 27.29 -18.18
CA ALA A 125 -0.47 28.65 -18.71
C ALA A 125 -1.79 29.24 -19.24
N GLY A 126 -2.67 28.40 -19.77
CA GLY A 126 -3.99 28.90 -20.23
C GLY A 126 -4.96 27.79 -20.57
N ILE A 127 -6.16 28.17 -20.99
CA ILE A 127 -7.18 27.27 -21.60
C ILE A 127 -7.69 27.91 -22.89
N LYS A 128 -8.53 27.18 -23.62
CA LYS A 128 -8.98 27.50 -25.00
C LYS A 128 -10.11 26.51 -25.28
N GLY A 129 -11.10 26.89 -26.08
CA GLY A 129 -12.27 26.05 -26.32
C GLY A 129 -13.46 26.83 -26.82
N GLY A 130 -14.65 26.23 -26.75
CA GLY A 130 -15.94 26.86 -27.06
C GLY A 130 -16.95 26.55 -25.98
N ALA A 131 -17.78 27.53 -25.62
CA ALA A 131 -18.83 27.40 -24.58
C ALA A 131 -20.09 28.21 -24.94
N GLY A 132 -21.26 27.63 -24.68
CA GLY A 132 -22.56 28.32 -24.66
C GLY A 132 -23.21 28.16 -23.31
N SER A 133 -24.29 27.38 -23.27
CA SER A 133 -24.95 26.87 -22.05
C SER A 133 -24.00 25.94 -21.30
N ASP A 134 -23.28 25.11 -22.07
CA ASP A 134 -22.37 24.02 -21.65
C ASP A 134 -20.96 24.45 -22.10
N ILE A 135 -19.91 23.83 -21.56
CA ILE A 135 -18.52 23.89 -22.13
C ILE A 135 -18.51 22.88 -23.28
N ASP A 136 -18.52 23.36 -24.52
CA ASP A 136 -18.66 22.50 -25.72
C ASP A 136 -17.35 21.71 -25.90
N ARG A 137 -16.24 22.32 -25.51
CA ARG A 137 -14.89 21.96 -26.01
C ARG A 137 -13.85 22.65 -25.13
N LEU A 138 -12.83 21.92 -24.70
CA LEU A 138 -11.76 22.47 -23.82
C LEU A 138 -10.42 21.86 -24.20
N GLY A 139 -9.40 22.72 -24.26
CA GLY A 139 -7.99 22.33 -24.38
C GLY A 139 -7.16 23.14 -23.39
N LEU A 140 -6.15 22.52 -22.77
CA LEU A 140 -5.27 23.24 -21.84
C LEU A 140 -4.05 23.69 -22.64
N ILE A 141 -3.29 24.61 -22.07
CA ILE A 141 -2.07 25.16 -22.72
C ILE A 141 -0.97 25.25 -21.66
N PHE A 142 0.23 24.74 -21.96
CA PHE A 142 1.34 24.60 -21.00
C PHE A 142 2.55 25.35 -21.53
N LEU A 143 3.57 25.57 -20.69
CA LEU A 143 4.88 26.20 -21.08
C LEU A 143 5.83 25.14 -21.70
N LYS A 144 7.10 25.49 -21.93
CA LYS A 144 8.12 24.59 -22.52
C LYS A 144 9.52 25.06 -22.08
N ASP B 5 15.24 -1.72 -38.41
CA ASP B 5 16.72 -1.53 -38.13
C ASP B 5 16.96 -0.14 -37.54
N ASN B 6 17.22 -0.03 -36.22
CA ASN B 6 17.05 1.21 -35.40
C ASN B 6 15.55 1.43 -35.03
N TYR B 7 14.67 0.45 -35.27
CA TYR B 7 13.31 0.35 -34.67
C TYR B 7 13.10 -1.05 -34.08
N ILE B 8 12.31 -1.16 -33.00
CA ILE B 8 11.88 -2.45 -32.38
C ILE B 8 10.43 -2.74 -32.75
N TYR B 9 10.15 -3.86 -33.40
CA TYR B 9 8.76 -4.23 -33.81
C TYR B 9 8.14 -5.18 -32.78
N SER B 10 7.17 -4.72 -32.02
CA SER B 10 6.34 -5.60 -31.16
C SER B 10 5.55 -6.53 -32.06
N THR B 11 5.30 -7.76 -31.62
CA THR B 11 4.47 -8.76 -32.31
C THR B 11 3.11 -8.13 -32.58
N GLU B 12 2.66 -8.14 -33.83
CA GLU B 12 1.28 -7.73 -34.17
C GLU B 12 0.33 -8.80 -33.67
N VAL B 13 -0.66 -8.48 -32.84
CA VAL B 13 -1.55 -9.51 -32.28
C VAL B 13 -2.95 -9.34 -32.83
N GLY B 14 -3.67 -10.44 -33.02
CA GLY B 14 -5.04 -10.47 -33.57
C GLY B 14 -5.10 -11.24 -34.87
N GLY B 15 -6.06 -10.94 -35.74
CA GLY B 15 -6.33 -11.74 -36.95
C GLY B 15 -5.51 -11.30 -38.16
N VAL B 16 -5.66 -12.06 -39.24
CA VAL B 16 -5.02 -11.84 -40.57
C VAL B 16 -5.82 -10.81 -41.40
N GLY B 17 -7.08 -10.54 -41.05
CA GLY B 17 -8.00 -9.74 -41.88
C GLY B 17 -7.73 -8.24 -41.83
N GLY B 18 -8.67 -7.46 -42.39
CA GLY B 18 -8.61 -6.00 -42.59
C GLY B 18 -7.52 -5.59 -43.58
N THR B 19 -7.37 -4.27 -43.76
CA THR B 19 -6.45 -3.61 -44.70
C THR B 19 -5.18 -3.23 -43.95
N PRO B 20 -3.99 -3.61 -44.45
CA PRO B 20 -2.71 -3.24 -43.84
C PRO B 20 -2.50 -1.75 -43.57
N PHE B 21 -1.83 -1.42 -42.46
CA PHE B 21 -1.27 -0.06 -42.19
C PHE B 21 0.11 -0.17 -41.55
N THR B 22 0.94 0.85 -41.77
CA THR B 22 2.24 1.12 -41.14
C THR B 22 2.41 2.64 -41.06
N PHE B 23 2.48 3.21 -39.85
CA PHE B 23 2.69 4.68 -39.64
C PHE B 23 4.03 4.89 -38.93
N MET B 24 5.03 5.58 -39.53
CA MET B 24 6.33 5.87 -38.87
C MET B 24 7.01 7.11 -39.53
N GLN B 25 8.35 7.24 -39.54
CA GLN B 25 9.16 8.50 -39.52
C GLN B 25 8.28 9.70 -39.91
N THR B 29 8.88 10.80 -33.89
CA THR B 29 8.10 9.93 -32.99
C THR B 29 6.65 10.40 -32.78
N ILE B 30 5.81 9.50 -32.27
CA ILE B 30 4.39 9.72 -31.89
C ILE B 30 4.28 10.75 -30.75
N THR B 31 3.29 11.64 -30.89
CA THR B 31 2.97 12.71 -29.92
C THR B 31 1.52 12.62 -29.48
N SER B 32 0.70 11.84 -30.17
CA SER B 32 -0.72 11.65 -29.81
C SER B 32 -1.14 10.30 -30.37
N ILE B 33 -1.96 9.57 -29.62
CA ILE B 33 -2.60 8.33 -30.15
C ILE B 33 -4.00 8.26 -29.59
N LYS B 34 -4.96 7.84 -30.39
CA LYS B 34 -6.38 7.75 -29.98
C LYS B 34 -6.90 6.37 -30.32
N PHE B 35 -7.74 5.78 -29.49
CA PHE B 35 -8.37 4.45 -29.70
C PHE B 35 -9.87 4.60 -29.60
N ASN B 36 -10.60 4.07 -30.57
CA ASN B 36 -12.08 4.07 -30.55
C ASN B 36 -12.48 2.65 -30.24
N TRP B 37 -13.51 2.41 -29.43
CA TRP B 37 -13.96 1.02 -29.15
C TRP B 37 -15.46 1.04 -28.85
N SER B 38 -16.08 -0.13 -28.83
CA SER B 38 -17.55 -0.30 -28.68
C SER B 38 -17.81 -1.17 -27.44
N ASP B 39 -18.86 -0.87 -26.70
CA ASP B 39 -19.40 -1.80 -25.66
C ASP B 39 -20.14 -2.95 -26.34
N GLN B 40 -20.63 -2.74 -27.58
CA GLN B 40 -21.52 -3.73 -28.24
C GLN B 40 -20.70 -4.89 -28.77
N TYR B 41 -19.51 -4.61 -29.35
CA TYR B 41 -18.63 -5.60 -29.99
C TYR B 41 -17.42 -5.91 -29.09
N LYS B 42 -17.09 -5.07 -28.11
CA LYS B 42 -15.97 -5.27 -27.15
C LYS B 42 -14.65 -5.44 -27.91
N LEU B 43 -14.47 -4.64 -28.96
CA LEU B 43 -13.27 -4.58 -29.82
C LEU B 43 -12.78 -3.16 -29.91
N LEU B 44 -11.52 -2.97 -30.26
CA LEU B 44 -11.07 -1.69 -30.91
C LEU B 44 -11.65 -1.68 -32.32
N HIS B 45 -12.07 -0.51 -32.79
CA HIS B 45 -12.61 -0.30 -34.15
C HIS B 45 -11.70 0.63 -34.96
N HIS B 46 -11.00 1.58 -34.33
CA HIS B 46 -10.34 2.69 -35.08
C HIS B 46 -9.18 3.25 -34.26
N ILE B 47 -8.08 3.60 -34.92
CA ILE B 47 -6.91 4.23 -34.24
C ILE B 47 -6.51 5.44 -35.05
N GLU B 48 -6.06 6.50 -34.39
CA GLU B 48 -5.46 7.69 -35.02
C GLU B 48 -4.13 7.96 -34.33
N VAL B 49 -3.19 8.51 -35.07
CA VAL B 49 -1.84 8.83 -34.56
C VAL B 49 -1.42 10.18 -35.12
N LYS B 50 -0.78 11.04 -34.33
CA LYS B 50 -0.10 12.25 -34.83
C LYS B 50 1.37 12.10 -34.47
N PHE B 51 2.22 12.81 -35.18
CA PHE B 51 3.68 12.76 -35.05
C PHE B 51 4.15 14.19 -34.79
N ILE B 52 5.48 14.29 -34.61
CA ILE B 52 6.22 15.52 -34.22
C ILE B 52 6.72 16.32 -35.43
N ASN B 54 4.49 17.34 -37.57
CA ASN B 54 3.66 16.75 -38.64
C ASN B 54 2.17 16.81 -38.20
N ALA B 55 1.39 17.70 -38.86
CA ALA B 55 0.04 18.11 -38.43
C ALA B 55 -1.01 17.10 -38.91
N ASN B 56 -0.61 16.08 -39.69
CA ASN B 56 -1.60 15.15 -40.28
C ASN B 56 -1.98 14.11 -39.21
N ILE B 57 -3.28 13.81 -39.19
CA ILE B 57 -3.95 12.64 -38.55
C ILE B 57 -3.85 11.45 -39.50
N TYR B 58 -3.10 10.42 -39.09
CA TYR B 58 -2.99 9.09 -39.72
C TYR B 58 -4.00 8.16 -39.03
N ALA B 59 -5.14 7.93 -39.64
CA ALA B 59 -6.24 7.12 -39.09
C ALA B 59 -6.27 5.79 -39.82
N THR B 60 -7.10 4.87 -39.33
CA THR B 60 -7.31 3.51 -39.88
C THR B 60 -8.40 2.85 -39.05
N GLY B 61 -9.25 2.05 -39.67
CA GLY B 61 -10.43 1.43 -39.06
C GLY B 61 -11.62 2.36 -39.14
N ASP B 62 -12.79 1.87 -38.72
CA ASP B 62 -14.08 2.58 -38.80
C ASP B 62 -14.45 3.07 -37.40
N PRO B 63 -14.47 4.40 -37.13
CA PRO B 63 -14.70 4.90 -35.78
C PRO B 63 -16.18 4.88 -35.36
N LYS B 64 -16.78 3.69 -35.32
CA LYS B 64 -18.24 3.44 -35.11
C LYS B 64 -18.49 3.14 -33.62
N GLY B 65 -17.44 3.05 -32.80
CA GLY B 65 -17.57 2.69 -31.36
C GLY B 65 -18.00 3.90 -30.55
N ASN B 66 -18.66 3.66 -29.42
CA ASN B 66 -19.29 4.66 -28.51
C ASN B 66 -18.28 5.29 -27.53
N HIS B 67 -17.02 4.85 -27.51
CA HIS B 67 -15.98 5.40 -26.59
C HIS B 67 -14.73 5.79 -27.37
N GLU B 68 -13.97 6.80 -26.91
CA GLU B 68 -12.55 6.93 -27.33
C GLU B 68 -11.68 7.44 -26.16
N VAL B 69 -10.38 7.25 -26.28
CA VAL B 69 -9.38 7.80 -25.35
C VAL B 69 -8.20 8.30 -26.18
N ILE B 70 -7.59 9.37 -25.70
CA ILE B 70 -6.42 10.01 -26.35
C ILE B 70 -5.31 10.03 -25.32
N LEU B 71 -4.11 9.64 -25.70
CA LEU B 71 -2.93 9.87 -24.84
C LEU B 71 -2.01 10.86 -25.53
N GLU B 72 -1.73 12.00 -24.94
CA GLU B 72 -0.71 12.92 -25.50
C GLU B 72 0.64 12.54 -24.92
N ILE B 73 1.69 12.47 -25.73
CA ILE B 73 3.03 12.06 -25.24
C ILE B 73 3.99 13.24 -25.38
N ASP B 74 4.51 13.71 -24.24
CA ASP B 74 5.58 14.73 -24.18
C ASP B 74 6.75 14.21 -25.03
N ASP B 75 7.59 15.11 -25.56
CA ASP B 75 8.68 14.78 -26.50
C ASP B 75 9.59 13.74 -25.83
N ASP B 76 9.92 13.94 -24.55
CA ASP B 76 10.95 13.13 -23.83
C ASP B 76 10.32 11.93 -23.11
N GLU B 77 9.00 11.71 -23.23
CA GLU B 77 8.18 10.72 -22.49
C GLU B 77 8.15 9.35 -23.21
N THR B 78 8.64 8.28 -22.56
CA THR B 78 8.67 6.90 -23.11
C THR B 78 7.49 6.10 -22.55
N ILE B 79 7.15 5.00 -23.21
CA ILE B 79 6.16 4.00 -22.70
C ILE B 79 6.95 3.00 -21.82
N ILE B 80 6.55 2.79 -20.56
CA ILE B 80 7.29 1.90 -19.59
C ILE B 80 6.48 0.63 -19.33
N GLY B 81 5.20 0.66 -19.65
CA GLY B 81 4.29 -0.49 -19.50
C GLY B 81 3.26 -0.41 -20.60
N SER B 82 2.96 -1.53 -21.25
CA SER B 82 2.04 -1.64 -22.38
C SER B 82 1.47 -3.03 -22.47
N VAL B 83 0.16 -3.15 -22.50
CA VAL B 83 -0.57 -4.44 -22.69
C VAL B 83 -1.62 -4.28 -23.82
N ILE B 84 -1.65 -5.17 -24.80
CA ILE B 84 -2.75 -5.27 -25.78
C ILE B 84 -3.53 -6.55 -25.51
N GLY B 85 -4.83 -6.41 -25.31
CA GLY B 85 -5.78 -7.53 -25.33
C GLY B 85 -6.21 -7.82 -26.75
N TYR B 86 -6.40 -9.09 -27.10
CA TYR B 86 -6.75 -9.56 -28.45
C TYR B 86 -7.39 -10.93 -28.40
N LYS B 87 -8.22 -11.22 -29.42
CA LYS B 87 -8.66 -12.60 -29.75
C LYS B 87 -7.63 -13.19 -30.70
N LYS B 88 -7.12 -14.39 -30.41
CA LYS B 88 -6.06 -15.03 -31.20
C LYS B 88 -6.76 -15.76 -32.34
N GLY B 89 -6.02 -16.09 -33.40
CA GLY B 89 -6.55 -16.89 -34.52
C GLY B 89 -6.63 -16.06 -35.79
N ASN B 90 -6.76 -16.70 -36.95
CA ASN B 90 -6.88 -15.99 -38.25
C ASN B 90 -8.04 -14.98 -38.16
N ASP B 91 -9.16 -15.41 -37.59
CA ASP B 91 -10.45 -14.70 -37.40
C ASP B 91 -10.34 -13.67 -36.27
N GLY B 92 -9.13 -13.35 -35.80
CA GLY B 92 -8.89 -12.66 -34.54
C GLY B 92 -9.08 -11.16 -34.67
N ARG B 93 -9.10 -10.45 -33.53
CA ARG B 93 -9.31 -8.99 -33.44
C ARG B 93 -8.49 -8.48 -32.26
N CYS B 94 -8.07 -7.22 -32.27
CA CYS B 94 -7.59 -6.55 -31.05
C CYS B 94 -8.72 -6.03 -30.22
N THR B 95 -8.71 -6.22 -28.89
CA THR B 95 -9.90 -5.89 -28.06
C THR B 95 -9.61 -4.74 -27.08
N GLY B 96 -8.35 -4.52 -26.69
CA GLY B 96 -7.99 -3.52 -25.67
C GLY B 96 -6.55 -3.07 -25.75
N VAL B 97 -6.25 -1.85 -25.29
CA VAL B 97 -4.87 -1.35 -25.02
C VAL B 97 -4.84 -0.61 -23.68
N LYS B 98 -3.95 -1.03 -22.78
CA LYS B 98 -3.45 -0.27 -21.59
C LYS B 98 -2.04 0.23 -21.95
N LEU B 99 -1.74 1.51 -21.72
CA LEU B 99 -0.37 2.06 -21.79
C LEU B 99 -0.10 2.88 -20.54
N THR B 100 1.13 2.84 -20.05
CA THR B 100 1.65 3.65 -18.92
C THR B 100 2.97 4.29 -19.33
N THR B 101 3.17 5.56 -19.01
CA THR B 101 4.32 6.37 -19.51
C THR B 101 5.36 6.55 -18.42
N SER B 102 6.52 7.09 -18.82
CA SER B 102 7.64 7.42 -17.92
C SER B 102 7.27 8.61 -17.00
N LYS B 103 6.05 9.14 -17.10
CA LYS B 103 5.58 10.28 -16.27
C LYS B 103 4.29 9.91 -15.53
N GLY B 104 3.94 8.63 -15.42
CA GLY B 104 2.77 8.20 -14.66
C GLY B 104 1.46 8.52 -15.37
N LYS B 105 1.51 8.87 -16.64
CA LYS B 105 0.25 8.93 -17.46
C LYS B 105 -0.14 7.51 -17.83
N SER B 106 -1.44 7.22 -17.86
CA SER B 106 -1.90 5.90 -18.37
C SER B 106 -3.24 6.02 -19.11
N ILE B 107 -3.46 5.21 -20.15
CA ILE B 107 -4.83 5.05 -20.72
C ILE B 107 -5.24 3.58 -20.69
N MET B 108 -6.53 3.35 -20.66
CA MET B 108 -7.16 2.04 -20.87
C MET B 108 -8.26 2.19 -21.93
N ALA B 109 -8.17 1.41 -23.00
CA ALA B 109 -9.15 1.31 -24.10
C ALA B 109 -9.67 -0.13 -24.18
N GLY B 110 -10.99 -0.28 -24.16
CA GLY B 110 -11.68 -1.53 -24.50
C GLY B 110 -11.42 -2.64 -23.49
N TYR B 111 -11.38 -3.89 -23.93
CA TYR B 111 -11.63 -5.09 -23.10
C TYR B 111 -10.42 -6.03 -23.19
N PHE B 112 -10.31 -6.94 -22.21
CA PHE B 112 -9.15 -7.83 -22.01
C PHE B 112 -9.63 -9.21 -21.51
N GLU B 113 -10.65 -9.76 -22.17
CA GLU B 113 -11.34 -11.01 -21.78
C GLU B 113 -10.69 -12.24 -22.41
N GLU B 114 -9.58 -12.17 -23.15
CA GLU B 114 -9.08 -13.39 -23.83
C GLU B 114 -7.56 -13.48 -23.79
N SER B 115 -6.80 -12.88 -24.70
CA SER B 115 -5.34 -13.04 -24.77
C SER B 115 -4.70 -11.68 -24.52
N LEU B 116 -3.42 -11.68 -24.14
CA LEU B 116 -2.67 -10.46 -23.75
C LEU B 116 -1.25 -10.61 -24.27
N ILE B 117 -0.68 -9.49 -24.65
CA ILE B 117 0.78 -9.40 -24.87
C ILE B 117 1.23 -8.24 -23.98
N THR B 118 2.31 -8.45 -23.26
CA THR B 118 3.02 -7.37 -22.54
C THR B 118 4.17 -7.04 -23.47
N THR B 119 4.14 -5.86 -24.06
CA THR B 119 5.05 -5.55 -25.16
C THR B 119 6.41 -5.11 -24.66
N TYR B 120 7.35 -4.98 -25.60
CA TYR B 120 8.60 -4.22 -25.44
C TYR B 120 8.21 -2.82 -25.00
N THR B 121 9.21 -2.07 -24.53
CA THR B 121 9.04 -0.71 -24.00
C THR B 121 10.07 0.21 -24.63
N GLY B 122 9.80 1.51 -24.56
CA GLY B 122 10.67 2.59 -25.05
C GLY B 122 9.84 3.70 -25.64
N LYS B 123 10.49 4.51 -26.46
CA LYS B 123 9.92 5.71 -27.12
C LYS B 123 8.95 5.24 -28.23
N LEU B 124 7.65 5.48 -28.05
CA LEU B 124 6.62 4.99 -29.03
C LEU B 124 6.80 5.80 -30.32
N ALA B 125 7.21 5.10 -31.40
CA ALA B 125 7.66 5.65 -32.69
C ALA B 125 6.61 5.40 -33.80
N GLY B 126 5.88 4.29 -33.75
CA GLY B 126 4.79 4.05 -34.70
C GLY B 126 3.91 2.88 -34.31
N ILE B 127 2.93 2.59 -35.17
CA ILE B 127 2.06 1.39 -35.13
C ILE B 127 2.03 0.76 -36.53
N LYS B 128 1.36 -0.39 -36.63
CA LYS B 128 1.40 -1.32 -37.79
C LYS B 128 0.35 -2.39 -37.49
N GLY B 129 -0.33 -2.92 -38.50
CA GLY B 129 -1.45 -3.85 -38.30
C GLY B 129 -2.39 -3.88 -39.50
N GLY B 130 -3.58 -4.42 -39.29
CA GLY B 130 -4.67 -4.44 -40.26
C GLY B 130 -5.97 -4.03 -39.60
N ALA B 131 -6.80 -3.23 -40.29
CA ALA B 131 -8.10 -2.75 -39.81
C ALA B 131 -9.14 -2.68 -40.93
N GLY B 132 -10.36 -3.09 -40.62
CA GLY B 132 -11.55 -2.86 -41.45
C GLY B 132 -12.59 -2.11 -40.69
N SER B 133 -13.69 -2.78 -40.35
CA SER B 133 -14.72 -2.36 -39.38
C SER B 133 -14.10 -2.25 -37.99
N ASP B 134 -13.26 -3.24 -37.67
CA ASP B 134 -12.58 -3.48 -36.37
C ASP B 134 -11.07 -3.29 -36.61
N ILE B 135 -10.28 -3.13 -35.56
CA ILE B 135 -8.80 -3.26 -35.61
C ILE B 135 -8.51 -4.77 -35.56
N ASP B 136 -8.11 -5.35 -36.68
CA ASP B 136 -7.95 -6.83 -36.84
C ASP B 136 -6.72 -7.26 -36.01
N ARG B 137 -5.75 -6.37 -35.94
CA ARG B 137 -4.34 -6.72 -35.65
C ARG B 137 -3.57 -5.44 -35.40
N LEU B 138 -2.78 -5.39 -34.32
CA LEU B 138 -1.99 -4.19 -33.95
C LEU B 138 -0.64 -4.61 -33.39
N GLY B 139 0.41 -3.91 -33.81
CA GLY B 139 1.77 -3.97 -33.27
C GLY B 139 2.29 -2.58 -33.03
N LEU B 140 3.04 -2.38 -31.94
CA LEU B 140 3.66 -1.07 -31.69
C LEU B 140 5.08 -1.14 -32.23
N ILE B 141 5.71 0.01 -32.41
CA ILE B 141 7.10 0.13 -32.91
C ILE B 141 7.83 1.17 -32.05
N PHE B 142 9.04 0.84 -31.58
CA PHE B 142 9.81 1.68 -30.64
C PHE B 142 11.14 2.03 -31.31
N LEU B 143 11.90 2.97 -30.77
CA LEU B 143 13.29 3.30 -31.19
C LEU B 143 14.33 2.29 -30.66
N LYS B 144 15.63 2.56 -30.87
CA LYS B 144 16.76 1.76 -30.34
C LYS B 144 17.98 2.69 -30.19
N ASP C 5 20.31 -0.11 36.04
CA ASP C 5 21.62 -0.72 35.66
C ASP C 5 22.20 -0.06 34.38
N ASN C 6 22.81 -0.88 33.49
CA ASN C 6 23.11 -0.62 32.04
C ASN C 6 22.11 -1.45 31.21
N TYR C 7 20.95 -1.66 31.83
CA TYR C 7 19.77 -2.39 31.33
C TYR C 7 18.52 -1.52 31.52
N ILE C 8 17.52 -1.72 30.64
CA ILE C 8 16.16 -1.14 30.75
C ILE C 8 15.19 -2.23 31.20
N TYR C 9 14.53 -2.05 32.34
CA TYR C 9 13.58 -3.06 32.88
C TYR C 9 12.16 -2.66 32.51
N SER C 10 11.52 -3.39 31.62
CA SER C 10 10.09 -3.16 31.29
C SER C 10 9.27 -3.52 32.52
N THR C 11 8.16 -2.82 32.72
CA THR C 11 7.19 -3.10 33.79
C THR C 11 6.71 -4.53 33.60
N GLU C 12 6.80 -5.32 34.67
CA GLU C 12 6.26 -6.70 34.71
C GLU C 12 4.74 -6.57 34.73
N VAL C 13 4.04 -7.23 33.84
CA VAL C 13 2.55 -7.10 33.79
C VAL C 13 1.92 -8.44 34.13
N GLY C 14 0.76 -8.39 34.78
CA GLY C 14 0.03 -9.57 35.26
C GLY C 14 -0.05 -9.56 36.78
N GLY C 15 -0.21 -10.73 37.38
CA GLY C 15 -0.50 -10.83 38.82
C GLY C 15 0.74 -10.92 39.70
N VAL C 16 0.51 -10.95 41.02
CA VAL C 16 1.52 -10.99 42.11
C VAL C 16 1.94 -12.44 42.37
N GLY C 17 1.15 -13.43 41.93
CA GLY C 17 1.33 -14.86 42.29
C GLY C 17 2.48 -15.52 41.56
N GLY C 18 2.57 -16.86 41.67
CA GLY C 18 3.69 -17.68 41.18
C GLY C 18 5.04 -17.40 41.85
N THR C 19 6.07 -18.12 41.42
CA THR C 19 7.46 -18.09 41.97
C THR C 19 8.31 -17.15 41.10
N PRO C 20 8.97 -16.13 41.70
CA PRO C 20 9.85 -15.21 40.98
C PRO C 20 10.93 -15.85 40.11
N PHE C 21 11.24 -15.24 38.96
CA PHE C 21 12.44 -15.54 38.13
C PHE C 21 13.09 -14.27 37.62
N THR C 22 14.41 -14.34 37.37
CA THR C 22 15.21 -13.31 36.67
C THR C 22 16.32 -13.99 35.86
N PHE C 23 16.27 -13.90 34.51
CA PHE C 23 17.26 -14.52 33.58
C PHE C 23 18.03 -13.42 32.82
N THR C 31 19.38 -15.35 22.84
CA THR C 31 19.56 -15.80 21.45
C THR C 31 18.38 -16.70 21.05
N SER C 32 17.56 -17.13 22.00
CA SER C 32 16.40 -17.99 21.74
C SER C 32 15.39 -17.75 22.85
N ILE C 33 14.10 -17.71 22.55
CA ILE C 33 13.04 -17.71 23.60
C ILE C 33 11.89 -18.55 23.07
N LYS C 34 11.23 -19.30 23.91
CA LYS C 34 10.07 -20.11 23.53
C LYS C 34 8.93 -19.79 24.48
N PHE C 35 7.69 -19.78 23.98
CA PHE C 35 6.47 -19.56 24.80
C PHE C 35 5.54 -20.75 24.65
N ASN C 36 5.05 -21.28 25.76
CA ASN C 36 4.03 -22.35 25.74
C ASN C 36 2.71 -21.68 26.12
N TRP C 37 1.59 -22.04 25.49
CA TRP C 37 0.28 -21.46 25.87
C TRP C 37 -0.81 -22.48 25.57
N SER C 38 -2.02 -22.25 26.08
CA SER C 38 -3.16 -23.19 26.00
C SER C 38 -4.31 -22.48 25.29
N ASP C 39 -5.04 -23.17 24.42
CA ASP C 39 -6.35 -22.70 23.91
C ASP C 39 -7.40 -22.88 25.03
N GLN C 40 -7.16 -23.77 26.00
CA GLN C 40 -8.17 -24.09 27.05
C GLN C 40 -8.24 -22.95 28.08
N TYR C 41 -7.10 -22.41 28.49
CA TYR C 41 -6.97 -21.37 29.55
C TYR C 41 -6.66 -19.99 28.95
N LYS C 42 -6.19 -19.92 27.71
CA LYS C 42 -5.90 -18.65 26.98
C LYS C 42 -4.86 -17.81 27.76
N LEU C 43 -3.86 -18.47 28.33
CA LEU C 43 -2.74 -17.87 29.09
C LEU C 43 -1.43 -18.39 28.51
N LEU C 44 -0.32 -17.68 28.75
CA LEU C 44 1.03 -18.31 28.75
C LEU C 44 1.11 -19.20 30.00
N HIS C 45 1.77 -20.35 29.86
CA HIS C 45 1.97 -21.32 30.97
C HIS C 45 3.47 -21.43 31.26
N HIS C 46 4.36 -21.29 30.27
CA HIS C 46 5.78 -21.69 30.42
C HIS C 46 6.65 -20.93 29.43
N ILE C 47 7.84 -20.52 29.84
CA ILE C 47 8.80 -19.82 28.96
C ILE C 47 10.15 -20.51 29.12
N GLU C 48 10.93 -20.61 28.06
CA GLU C 48 12.34 -21.08 28.10
C GLU C 48 13.18 -20.03 27.38
N VAL C 49 14.42 -19.86 27.79
CA VAL C 49 15.32 -18.85 27.18
C VAL C 49 16.69 -19.48 27.07
N LYS C 50 17.38 -19.32 25.94
CA LYS C 50 18.80 -19.74 25.78
C LYS C 50 19.61 -18.48 25.52
N PHE C 51 20.89 -18.51 25.84
CA PHE C 51 21.75 -17.31 25.90
C PHE C 51 22.89 -17.48 24.92
N ILE C 52 23.37 -16.35 24.42
CA ILE C 52 24.64 -16.25 23.63
C ILE C 52 25.72 -16.89 24.48
N ASN C 53 26.57 -17.78 23.91
CA ASN C 53 27.80 -18.30 24.59
C ASN C 53 27.44 -18.95 25.96
N ASN C 54 26.35 -19.72 26.01
CA ASN C 54 25.83 -20.44 27.21
C ASN C 54 24.70 -21.39 26.76
N ALA C 55 24.94 -22.71 26.85
CA ALA C 55 24.09 -23.75 26.22
C ALA C 55 22.94 -24.13 27.17
N ASN C 56 22.84 -23.50 28.34
CA ASN C 56 21.78 -23.78 29.34
C ASN C 56 20.40 -23.27 28.89
N ILE C 57 19.38 -24.11 29.06
CA ILE C 57 17.92 -23.81 29.04
C ILE C 57 17.52 -23.32 30.44
N TYR C 58 17.17 -22.04 30.56
CA TYR C 58 16.54 -21.41 31.74
C TYR C 58 15.01 -21.41 31.52
N ALA C 59 14.31 -22.34 32.16
CA ALA C 59 12.85 -22.50 32.01
C ALA C 59 12.16 -21.93 33.25
N THR C 60 10.83 -21.88 33.24
CA THR C 60 9.97 -21.40 34.34
C THR C 60 8.52 -21.58 33.92
N GLY C 61 7.64 -21.94 34.84
CA GLY C 61 6.22 -22.24 34.57
C GLY C 61 6.06 -23.69 34.19
N ASP C 62 4.83 -24.14 34.03
CA ASP C 62 4.46 -25.57 33.76
C ASP C 62 4.06 -25.68 32.28
N PRO C 63 4.83 -26.39 31.43
CA PRO C 63 4.56 -26.41 29.98
C PRO C 63 3.39 -27.33 29.60
N LYS C 64 2.18 -27.04 30.09
CA LYS C 64 0.97 -27.91 29.99
C LYS C 64 0.11 -27.46 28.79
N GLY C 65 0.48 -26.38 28.12
CA GLY C 65 -0.31 -25.82 26.99
C GLY C 65 -0.07 -26.59 25.70
N ASN C 66 -1.05 -26.57 24.80
CA ASN C 66 -1.13 -27.35 23.53
C ASN C 66 -0.40 -26.65 22.37
N HIS C 67 0.14 -25.44 22.56
CA HIS C 67 0.88 -24.68 21.52
C HIS C 67 2.24 -24.23 22.04
N GLU C 68 3.25 -24.10 21.19
CA GLU C 68 4.46 -23.31 21.53
C GLU C 68 5.02 -22.60 20.29
N VAL C 69 5.82 -21.56 20.51
CA VAL C 69 6.54 -20.86 19.41
C VAL C 69 7.94 -20.52 19.92
N ILE C 70 8.91 -20.54 19.05
CA ILE C 70 10.33 -20.27 19.36
C ILE C 70 10.77 -19.13 18.46
N LEU C 71 11.43 -18.13 19.01
CA LEU C 71 12.03 -17.07 18.18
C LEU C 71 13.53 -17.13 18.37
N GLU C 72 14.29 -17.40 17.31
CA GLU C 72 15.76 -17.38 17.40
C GLU C 72 16.18 -15.98 17.02
N ILE C 73 17.11 -15.38 17.76
CA ILE C 73 17.56 -13.99 17.49
C ILE C 73 19.03 -14.02 17.10
N ASP C 74 19.32 -13.62 15.86
CA ASP C 74 20.69 -13.45 15.32
C ASP C 74 21.43 -12.51 16.29
N ASP C 75 22.76 -12.60 16.34
CA ASP C 75 23.60 -11.86 17.32
C ASP C 75 23.30 -10.37 17.17
N ASP C 76 23.22 -9.88 15.93
CA ASP C 76 23.16 -8.41 15.59
C ASP C 76 21.70 -7.93 15.48
N GLU C 77 20.73 -8.80 15.72
CA GLU C 77 19.26 -8.56 15.60
C GLU C 77 18.66 -7.97 16.89
N THR C 78 18.05 -6.79 16.85
CA THR C 78 17.32 -6.16 18.00
C THR C 78 15.82 -6.42 17.89
N ILE C 79 15.07 -6.27 18.99
CA ILE C 79 13.59 -6.25 19.01
C ILE C 79 13.16 -4.80 18.77
N ILE C 80 12.31 -4.54 17.76
CA ILE C 80 11.90 -3.15 17.38
C ILE C 80 10.42 -2.92 17.74
N GLY C 81 9.70 -3.99 17.98
CA GLY C 81 8.28 -3.93 18.36
C GLY C 81 7.97 -5.10 19.27
N SER C 82 7.25 -4.85 20.36
CA SER C 82 6.96 -5.85 21.41
C SER C 82 5.68 -5.47 22.13
N VAL C 83 4.72 -6.38 22.17
CA VAL C 83 3.46 -6.21 22.95
C VAL C 83 3.23 -7.45 23.84
N ILE C 84 2.97 -7.25 25.14
CA ILE C 84 2.49 -8.32 26.04
C ILE C 84 1.01 -8.09 26.36
N GLY C 85 0.19 -9.09 26.11
CA GLY C 85 -1.20 -9.16 26.60
C GLY C 85 -1.20 -9.76 27.99
N TYR C 86 -2.10 -9.27 28.86
CA TYR C 86 -2.20 -9.70 30.27
C TYR C 86 -3.56 -9.36 30.86
N LYS C 87 -3.96 -10.11 31.89
CA LYS C 87 -5.07 -9.73 32.82
C LYS C 87 -4.45 -8.92 33.94
N LYS C 88 -5.01 -7.75 34.24
CA LYS C 88 -4.46 -6.81 35.24
C LYS C 88 -5.01 -7.26 36.61
N GLY C 89 -4.38 -6.81 37.71
CA GLY C 89 -4.82 -7.10 39.09
C GLY C 89 -3.91 -8.08 39.80
N ASN C 90 -4.04 -8.18 41.11
CA ASN C 90 -3.25 -9.14 41.95
C ASN C 90 -3.41 -10.55 41.39
N ASP C 91 -4.63 -10.95 41.05
CA ASP C 91 -5.07 -12.27 40.54
C ASP C 91 -4.73 -12.41 39.05
N GLY C 92 -3.86 -11.54 38.51
CA GLY C 92 -3.65 -11.39 37.08
C GLY C 92 -2.76 -12.47 36.50
N ARG C 93 -2.69 -12.56 35.18
CA ARG C 93 -1.89 -13.56 34.41
C ARG C 93 -1.42 -12.88 33.14
N CYS C 94 -0.29 -13.31 32.60
CA CYS C 94 0.21 -12.81 31.29
C CYS C 94 -0.38 -13.75 30.23
N THR C 95 -0.96 -13.22 29.14
CA THR C 95 -1.85 -14.03 28.25
C THR C 95 -1.26 -14.18 26.84
N GLY C 96 -0.39 -13.27 26.40
CA GLY C 96 0.14 -13.24 25.02
C GLY C 96 1.42 -12.47 24.89
N VAL C 97 2.24 -12.83 23.91
CA VAL C 97 3.41 -12.01 23.46
C VAL C 97 3.45 -11.97 21.92
N LYS C 98 3.45 -10.75 21.35
CA LYS C 98 3.89 -10.46 19.96
C LYS C 98 5.29 -9.81 20.06
N LEU C 99 6.26 -10.32 19.31
CA LEU C 99 7.58 -9.65 19.14
C LEU C 99 7.90 -9.56 17.66
N THR C 100 8.52 -8.44 17.26
CA THR C 100 9.01 -8.18 15.88
C THR C 100 10.46 -7.70 15.97
N THR C 101 11.31 -8.19 15.10
CA THR C 101 12.78 -7.97 15.16
C THR C 101 13.22 -6.94 14.12
N SER C 102 14.47 -6.52 14.20
CA SER C 102 15.09 -5.57 13.24
C SER C 102 15.28 -6.25 11.86
N LYS C 103 14.85 -7.49 11.69
CA LYS C 103 14.99 -8.26 10.43
C LYS C 103 13.61 -8.78 9.98
N GLY C 104 12.51 -8.22 10.49
CA GLY C 104 11.15 -8.55 10.03
C GLY C 104 10.70 -9.90 10.49
N LYS C 105 11.44 -10.55 11.38
CA LYS C 105 10.97 -11.79 12.04
C LYS C 105 9.95 -11.41 13.10
N SER C 106 8.92 -12.22 13.27
CA SER C 106 7.89 -11.95 14.30
C SER C 106 7.31 -13.26 14.84
N ILE C 107 6.95 -13.28 16.13
CA ILE C 107 6.16 -14.37 16.71
C ILE C 107 4.91 -13.79 17.34
N MET C 108 3.88 -14.61 17.40
CA MET C 108 2.65 -14.31 18.13
C MET C 108 2.32 -15.55 18.97
N ALA C 109 2.29 -15.38 20.29
CA ALA C 109 1.93 -16.42 21.27
C ALA C 109 0.68 -15.99 22.02
N GLY C 110 -0.30 -16.88 22.08
CA GLY C 110 -1.46 -16.76 22.97
C GLY C 110 -2.34 -15.58 22.66
N TYR C 111 -2.99 -14.97 23.64
CA TYR C 111 -4.22 -14.16 23.47
C TYR C 111 -4.02 -12.74 23.98
N PHE C 112 -4.88 -11.82 23.56
CA PHE C 112 -4.76 -10.37 23.85
C PHE C 112 -6.17 -9.79 24.05
N GLU C 113 -7.00 -10.43 24.86
CA GLU C 113 -8.44 -10.10 24.98
C GLU C 113 -8.69 -9.06 26.11
N GLU C 114 -7.67 -8.49 26.75
CA GLU C 114 -7.92 -7.64 27.95
C GLU C 114 -6.95 -6.45 27.99
N SER C 115 -5.73 -6.57 28.50
CA SER C 115 -4.83 -5.41 28.66
C SER C 115 -3.59 -5.64 27.83
N LEU C 116 -2.86 -4.57 27.54
CA LEU C 116 -1.67 -4.62 26.63
C LEU C 116 -0.62 -3.65 27.18
N ILE C 117 0.64 -4.00 27.03
CA ILE C 117 1.76 -3.06 27.23
C ILE C 117 2.55 -3.11 25.92
N THR C 118 2.91 -1.95 25.42
CA THR C 118 3.88 -1.79 24.32
C THR C 118 5.18 -1.48 25.01
N THR C 119 6.12 -2.40 24.98
CA THR C 119 7.32 -2.31 25.84
C THR C 119 8.36 -1.42 25.18
N TYR C 120 9.41 -1.11 25.95
CA TYR C 120 10.68 -0.55 25.46
C TYR C 120 11.21 -1.54 24.43
N THR C 121 12.21 -1.12 23.68
CA THR C 121 12.79 -1.90 22.57
C THR C 121 14.30 -1.83 22.67
N GLY C 122 14.98 -2.78 22.02
CA GLY C 122 16.45 -2.85 21.91
C GLY C 122 16.87 -4.32 21.81
N LYS C 123 18.13 -4.56 22.13
CA LYS C 123 18.74 -5.92 22.18
C LYS C 123 18.19 -6.66 23.41
N LEU C 124 17.41 -7.73 23.17
CA LEU C 124 16.70 -8.46 24.24
C LEU C 124 17.75 -9.20 25.06
N ALA C 125 17.90 -8.82 26.33
CA ALA C 125 18.99 -9.19 27.26
C ALA C 125 18.49 -10.16 28.34
N GLY C 126 17.25 -10.04 28.78
CA GLY C 126 16.67 -10.98 29.74
C GLY C 126 15.17 -10.89 29.86
N ILE C 127 14.60 -11.74 30.72
CA ILE C 127 13.20 -11.66 31.20
C ILE C 127 13.19 -11.75 32.75
N LYS C 128 12.01 -11.61 33.35
CA LYS C 128 11.83 -11.41 34.81
C LYS C 128 10.34 -11.44 35.06
N GLY C 129 9.90 -11.96 36.21
CA GLY C 129 8.47 -12.23 36.43
C GLY C 129 8.22 -13.30 37.48
N GLY C 130 7.01 -13.81 37.54
CA GLY C 130 6.60 -14.93 38.41
C GLY C 130 5.77 -15.92 37.64
N ALA C 131 5.97 -17.22 37.87
CA ALA C 131 5.25 -18.33 37.20
C ALA C 131 4.99 -19.51 38.16
N GLY C 132 3.81 -20.09 38.05
CA GLY C 132 3.42 -21.36 38.67
C GLY C 132 2.94 -22.32 37.62
N SER C 133 1.63 -22.63 37.62
CA SER C 133 0.90 -23.32 36.54
C SER C 133 0.93 -22.48 35.25
N ASP C 134 0.75 -21.18 35.43
CA ASP C 134 0.60 -20.11 34.41
C ASP C 134 1.83 -19.20 34.57
N ILE C 135 2.13 -18.38 33.57
CA ILE C 135 3.05 -17.22 33.71
C ILE C 135 2.21 -16.11 34.36
N ASP C 136 2.46 -15.82 35.63
CA ASP C 136 1.62 -14.89 36.44
C ASP C 136 1.87 -13.46 35.91
N ARG C 137 3.09 -13.23 35.44
CA ARG C 137 3.69 -11.88 35.38
C ARG C 137 5.00 -11.97 34.60
N LEU C 138 5.19 -11.06 33.64
CA LEU C 138 6.38 -11.05 32.75
C LEU C 138 6.81 -9.62 32.45
N GLY C 139 8.11 -9.38 32.47
CA GLY C 139 8.76 -8.16 31.99
C GLY C 139 10.02 -8.50 31.21
N LEU C 140 10.30 -7.75 30.15
CA LEU C 140 11.52 -7.99 29.33
C LEU C 140 12.58 -7.02 29.85
N ILE C 141 13.83 -7.27 29.49
CA ILE C 141 14.99 -6.44 29.92
C ILE C 141 15.90 -6.22 28.72
N PHE C 142 16.27 -4.97 28.44
CA PHE C 142 17.00 -4.61 27.20
C PHE C 142 18.29 -3.91 27.57
N LEU C 143 19.21 -3.73 26.61
CA LEU C 143 20.48 -2.99 26.81
C LEU C 143 20.29 -1.46 26.71
N LYS C 144 21.38 -0.70 26.83
CA LYS C 144 21.39 0.78 26.71
C LYS C 144 22.75 1.23 26.16
N ASP D 5 5.79 27.38 30.87
CA ASP D 5 7.13 27.98 31.13
C ASP D 5 8.04 27.59 29.96
N ASN D 6 8.77 26.47 30.12
CA ASN D 6 9.57 25.77 29.08
C ASN D 6 8.80 24.49 28.71
N TYR D 7 7.46 24.57 28.87
CA TYR D 7 6.49 23.52 28.51
C TYR D 7 5.47 24.00 27.48
N ILE D 8 5.03 23.08 26.60
CA ILE D 8 3.96 23.30 25.58
C ILE D 8 2.70 22.58 26.07
N TYR D 9 1.61 23.31 26.31
CA TYR D 9 0.37 22.74 26.86
C TYR D 9 -0.61 22.48 25.71
N SER D 10 -0.88 21.22 25.39
CA SER D 10 -2.05 20.82 24.57
C SER D 10 -3.32 21.27 25.31
N THR D 11 -4.35 21.66 24.57
CA THR D 11 -5.69 21.99 25.12
C THR D 11 -6.17 20.78 25.93
N GLU D 12 -6.56 21.02 27.16
CA GLU D 12 -7.24 19.99 27.98
C GLU D 12 -8.64 19.80 27.43
N VAL D 13 -9.03 18.61 27.05
CA VAL D 13 -10.34 18.38 26.40
C VAL D 13 -11.21 17.53 27.32
N GLY D 14 -12.50 17.80 27.33
CA GLY D 14 -13.48 17.14 28.20
C GLY D 14 -14.20 18.17 29.07
N GLY D 15 -14.75 17.72 30.19
CA GLY D 15 -15.61 18.55 31.05
C GLY D 15 -14.82 19.36 32.08
N VAL D 16 -15.57 20.17 32.82
CA VAL D 16 -15.08 21.03 33.94
C VAL D 16 -14.97 20.21 35.24
N GLY D 17 -15.63 19.06 35.33
CA GLY D 17 -15.81 18.30 36.59
C GLY D 17 -14.54 17.57 37.04
N GLY D 18 -14.67 16.72 38.07
CA GLY D 18 -13.56 16.01 38.73
C GLY D 18 -12.57 16.94 39.45
N THR D 19 -11.47 16.39 39.97
CA THR D 19 -10.42 17.17 40.68
C THR D 19 -9.27 17.46 39.72
N PRO D 20 -8.86 18.73 39.54
CA PRO D 20 -7.61 19.10 38.89
C PRO D 20 -6.35 18.32 39.26
N PHE D 21 -5.46 18.13 38.28
CA PHE D 21 -4.13 17.47 38.33
C PHE D 21 -3.03 18.34 37.70
N THR D 22 -1.75 17.99 37.88
CA THR D 22 -0.57 18.32 37.04
C THR D 22 0.56 17.33 37.41
N PHE D 23 1.06 16.51 36.46
CA PHE D 23 2.28 15.68 36.69
C PHE D 23 3.43 16.15 35.78
N ILE D 30 8.63 11.88 30.73
CA ILE D 30 7.82 10.62 30.89
C ILE D 30 8.56 9.43 30.27
N THR D 31 8.48 8.28 30.96
CA THR D 31 9.08 7.01 30.49
C THR D 31 8.01 5.91 30.42
N SER D 32 6.84 6.11 31.01
CA SER D 32 5.76 5.12 31.00
C SER D 32 4.45 5.86 31.23
N ILE D 33 3.37 5.44 30.59
CA ILE D 33 2.01 5.97 30.87
C ILE D 33 1.04 4.82 30.72
N LYS D 34 0.02 4.74 31.56
CA LYS D 34 -1.02 3.72 31.47
C LYS D 34 -2.39 4.37 31.47
N PHE D 35 -3.37 3.82 30.75
CA PHE D 35 -4.76 4.34 30.69
C PHE D 35 -5.73 3.23 31.06
N ASN D 36 -6.68 3.47 31.92
CA ASN D 36 -7.70 2.45 32.31
C ASN D 36 -9.00 2.92 31.64
N TRP D 37 -9.83 2.02 31.12
CA TRP D 37 -11.12 2.42 30.52
C TRP D 37 -12.12 1.28 30.65
N SER D 38 -13.41 1.55 30.40
CA SER D 38 -14.52 0.59 30.59
C SER D 38 -15.24 0.39 29.25
N ASP D 39 -15.70 -0.83 28.98
CA ASP D 39 -16.67 -1.09 27.88
C ASP D 39 -18.07 -0.60 28.28
N GLN D 40 -18.34 -0.51 29.59
CA GLN D 40 -19.71 -0.23 30.10
C GLN D 40 -20.01 1.27 29.91
N TYR D 41 -19.04 2.14 30.22
CA TYR D 41 -19.17 3.62 30.21
C TYR D 41 -18.48 4.23 28.98
N LYS D 42 -17.57 3.52 28.32
CA LYS D 42 -16.84 3.98 27.09
C LYS D 42 -16.10 5.29 27.38
N LEU D 43 -15.51 5.41 28.58
CA LEU D 43 -14.69 6.58 29.03
C LEU D 43 -13.34 6.07 29.50
N LEU D 44 -12.33 6.93 29.56
CA LEU D 44 -11.19 6.73 30.47
C LEU D 44 -11.69 6.95 31.89
N HIS D 45 -11.18 6.14 32.83
CA HIS D 45 -11.51 6.26 34.26
C HIS D 45 -10.26 6.66 35.06
N HIS D 46 -9.06 6.27 34.63
CA HIS D 46 -7.84 6.38 35.48
C HIS D 46 -6.57 6.44 34.62
N ILE D 47 -5.58 7.23 35.02
CA ILE D 47 -4.29 7.33 34.30
C ILE D 47 -3.18 7.21 35.33
N GLU D 48 -2.05 6.61 34.96
CA GLU D 48 -0.81 6.55 35.78
C GLU D 48 0.34 6.99 34.88
N VAL D 49 1.38 7.56 35.44
CA VAL D 49 2.59 8.02 34.71
C VAL D 49 3.83 7.71 35.55
N LYS D 50 4.94 7.32 34.95
CA LYS D 50 6.26 7.24 35.60
C LYS D 50 7.20 8.18 34.86
N PHE D 51 8.27 8.61 35.51
CA PHE D 51 9.26 9.56 34.96
C PHE D 51 10.62 8.89 35.06
N ILE D 52 11.51 9.29 34.15
CA ILE D 52 12.95 8.94 34.14
C ILE D 52 13.52 9.21 35.54
N ASN D 53 14.34 8.29 36.06
CA ASN D 53 15.14 8.47 37.32
C ASN D 53 14.22 8.85 38.49
N ASN D 54 13.07 8.17 38.62
CA ASN D 54 12.04 8.39 39.68
C ASN D 54 11.03 7.23 39.62
N ALA D 55 11.02 6.41 40.67
CA ALA D 55 10.32 5.10 40.73
C ALA D 55 8.84 5.29 41.09
N ASN D 56 8.39 6.52 41.32
CA ASN D 56 7.02 6.85 41.76
C ASN D 56 6.01 6.65 40.61
N ILE D 57 4.88 6.02 40.98
CA ILE D 57 3.59 5.97 40.23
C ILE D 57 2.80 7.21 40.63
N TYR D 58 2.60 8.13 39.67
CA TYR D 58 1.68 9.30 39.74
C TYR D 58 0.33 8.92 39.13
N ALA D 59 -0.65 8.53 39.94
CA ALA D 59 -1.97 8.04 39.48
C ALA D 59 -3.00 9.13 39.71
N THR D 60 -4.22 8.94 39.19
CA THR D 60 -5.37 9.87 39.33
C THR D 60 -6.58 9.23 38.66
N GLY D 61 -7.78 9.42 39.20
CA GLY D 61 -9.01 8.77 38.70
C GLY D 61 -9.21 7.43 39.37
N ASP D 62 -10.36 6.78 39.15
CA ASP D 62 -10.76 5.51 39.78
C ASP D 62 -10.56 4.37 38.78
N PRO D 63 -9.60 3.43 38.99
CA PRO D 63 -9.31 2.40 38.00
C PRO D 63 -10.33 1.24 37.99
N LYS D 64 -11.59 1.55 37.72
CA LYS D 64 -12.75 0.63 37.81
C LYS D 64 -13.05 0.01 36.43
N GLY D 65 -12.33 0.43 35.39
CA GLY D 65 -12.55 -0.08 34.03
C GLY D 65 -11.92 -1.45 33.83
N ASN D 66 -12.47 -2.23 32.90
CA ASN D 66 -12.13 -3.64 32.61
C ASN D 66 -10.91 -3.77 31.67
N HIS D 67 -10.35 -2.67 31.16
CA HIS D 67 -9.17 -2.68 30.24
C HIS D 67 -8.09 -1.72 30.74
N GLU D 68 -6.81 -1.99 30.46
CA GLU D 68 -5.75 -0.94 30.52
C GLU D 68 -4.68 -1.19 29.45
N VAL D 69 -3.92 -0.15 29.12
CA VAL D 69 -2.76 -0.28 28.20
C VAL D 69 -1.63 0.58 28.75
N ILE D 70 -0.41 0.12 28.54
CA ILE D 70 0.81 0.81 29.01
C ILE D 70 1.68 1.08 27.80
N LEU D 71 2.21 2.28 27.68
CA LEU D 71 3.20 2.55 26.62
C LEU D 71 4.51 2.89 27.31
N GLU D 72 5.57 2.13 27.07
CA GLU D 72 6.89 2.51 27.61
C GLU D 72 7.58 3.34 26.55
N ILE D 73 8.21 4.44 26.93
CA ILE D 73 8.88 5.35 25.97
C ILE D 73 10.40 5.32 26.26
N ASP D 74 11.17 4.85 25.28
CA ASP D 74 12.65 4.88 25.31
C ASP D 74 13.06 6.34 25.57
N ASP D 75 14.26 6.55 26.13
CA ASP D 75 14.72 7.89 26.59
C ASP D 75 14.64 8.86 25.41
N ASP D 76 15.09 8.43 24.21
CA ASP D 76 15.29 9.29 23.02
C ASP D 76 14.04 9.32 22.13
N GLU D 77 12.95 8.63 22.50
CA GLU D 77 11.74 8.35 21.68
C GLU D 77 10.70 9.47 21.83
N THR D 78 10.32 10.16 20.75
CA THR D 78 9.31 11.26 20.76
C THR D 78 7.95 10.74 20.30
N ILE D 79 6.89 11.46 20.62
CA ILE D 79 5.52 11.20 20.08
C ILE D 79 5.42 11.98 18.76
N ILE D 80 5.08 11.31 17.65
CA ILE D 80 5.02 11.93 16.29
C ILE D 80 3.57 12.04 15.83
N GLY D 81 2.66 11.30 16.46
CA GLY D 81 1.21 11.37 16.20
C GLY D 81 0.45 11.06 17.46
N SER D 82 -0.62 11.82 17.74
CA SER D 82 -1.35 11.79 19.02
C SER D 82 -2.76 12.30 18.83
N VAL D 83 -3.77 11.53 19.22
CA VAL D 83 -5.21 11.91 19.15
C VAL D 83 -5.91 11.58 20.47
N ILE D 84 -6.63 12.52 21.07
CA ILE D 84 -7.46 12.25 22.29
C ILE D 84 -8.92 12.35 21.88
N GLY D 85 -9.69 11.31 22.18
CA GLY D 85 -11.16 11.34 22.05
C GLY D 85 -11.75 11.87 23.34
N TYR D 86 -12.86 12.63 23.24
CA TYR D 86 -13.57 13.27 24.37
C TYR D 86 -15.01 13.63 24.01
N LYS D 87 -15.87 13.75 25.03
CA LYS D 87 -17.19 14.43 24.97
C LYS D 87 -16.96 15.90 25.27
N LYS D 88 -17.46 16.80 24.42
CA LYS D 88 -17.27 18.26 24.55
C LYS D 88 -18.34 18.77 25.52
N GLY D 89 -18.11 19.92 26.16
CA GLY D 89 -19.10 20.58 27.04
C GLY D 89 -18.73 20.48 28.52
N ASN D 90 -19.38 21.28 29.37
CA ASN D 90 -19.11 21.31 30.83
C ASN D 90 -19.23 19.88 31.39
N ASP D 91 -20.27 19.13 30.99
CA ASP D 91 -20.56 17.77 31.52
C ASP D 91 -19.74 16.72 30.75
N GLY D 92 -18.63 17.15 30.15
CA GLY D 92 -17.83 16.33 29.22
C GLY D 92 -16.91 15.36 29.93
N ARG D 93 -16.33 14.43 29.18
CA ARG D 93 -15.41 13.36 29.68
C ARG D 93 -14.37 13.10 28.61
N CYS D 94 -13.17 12.67 28.97
CA CYS D 94 -12.16 12.20 28.00
C CYS D 94 -12.41 10.69 27.75
N THR D 95 -12.45 10.22 26.49
CA THR D 95 -12.99 8.88 26.17
C THR D 95 -11.91 7.94 25.62
N GLY D 96 -10.81 8.47 25.04
CA GLY D 96 -9.78 7.64 24.38
C GLY D 96 -8.45 8.38 24.21
N VAL D 97 -7.34 7.63 24.07
CA VAL D 97 -6.04 8.15 23.55
C VAL D 97 -5.41 7.15 22.57
N LYS D 98 -5.09 7.62 21.35
CA LYS D 98 -4.17 6.97 20.36
C LYS D 98 -2.84 7.75 20.41
N LEU D 99 -1.71 7.08 20.52
CA LEU D 99 -0.35 7.68 20.40
C LEU D 99 0.48 6.80 19.47
N THR D 100 1.37 7.42 18.70
CA THR D 100 2.37 6.76 17.83
C THR D 100 3.71 7.45 18.06
N THR D 101 4.78 6.67 18.13
CA THR D 101 6.13 7.14 18.55
C THR D 101 7.05 7.25 17.36
N SER D 102 8.21 7.85 17.56
CA SER D 102 9.28 7.99 16.55
C SER D 102 9.94 6.63 16.26
N LYS D 103 9.45 5.55 16.87
CA LYS D 103 9.99 4.17 16.66
C LYS D 103 8.87 3.22 16.24
N GLY D 104 7.74 3.73 15.75
CA GLY D 104 6.66 2.88 15.21
C GLY D 104 5.91 2.14 16.31
N LYS D 105 6.11 2.52 17.57
CA LYS D 105 5.23 1.99 18.65
C LYS D 105 3.93 2.78 18.59
N SER D 106 2.81 2.14 18.91
CA SER D 106 1.52 2.83 19.05
C SER D 106 0.63 2.17 20.10
N ILE D 107 -0.20 2.95 20.80
CA ILE D 107 -1.28 2.38 21.65
C ILE D 107 -2.62 2.97 21.23
N MET D 108 -3.68 2.26 21.56
CA MET D 108 -5.07 2.74 21.47
C MET D 108 -5.76 2.40 22.78
N ALA D 109 -6.29 3.40 23.48
CA ALA D 109 -7.07 3.27 24.72
C ALA D 109 -8.45 3.83 24.51
N GLY D 110 -9.50 3.07 24.83
CA GLY D 110 -10.89 3.54 24.94
C GLY D 110 -11.46 3.88 23.61
N TYR D 111 -12.35 4.86 23.59
CA TYR D 111 -13.31 5.04 22.47
C TYR D 111 -13.14 6.43 21.88
N PHE D 112 -13.64 6.58 20.64
CA PHE D 112 -13.48 7.81 19.84
C PHE D 112 -14.77 8.13 19.12
N GLU D 113 -15.94 7.90 19.70
CA GLU D 113 -17.24 8.01 18.98
C GLU D 113 -17.87 9.40 19.20
N GLU D 114 -17.14 10.39 19.75
CA GLU D 114 -17.65 11.78 19.72
C GLU D 114 -16.63 12.78 19.16
N SER D 115 -15.74 13.36 19.95
CA SER D 115 -14.90 14.49 19.51
C SER D 115 -13.44 14.06 19.55
N LEU D 116 -12.56 14.79 18.85
CA LEU D 116 -11.14 14.43 18.68
C LEU D 116 -10.33 15.70 18.67
N ILE D 117 -9.13 15.63 19.20
CA ILE D 117 -8.08 16.66 19.04
C ILE D 117 -6.87 15.89 18.54
N THR D 118 -6.20 16.40 17.53
CA THR D 118 -4.88 15.96 17.07
C THR D 118 -3.91 16.93 17.72
N THR D 119 -3.10 16.48 18.64
CA THR D 119 -2.32 17.39 19.51
C THR D 119 -1.03 17.82 18.83
N TYR D 120 -0.31 18.76 19.48
CA TYR D 120 1.10 19.08 19.21
C TYR D 120 1.87 17.78 19.34
N THR D 121 3.11 17.77 18.85
CA THR D 121 3.98 16.57 18.93
C THR D 121 5.35 16.97 19.51
N GLY D 122 6.05 15.97 20.04
CA GLY D 122 7.37 16.16 20.65
C GLY D 122 7.65 15.10 21.70
N LYS D 123 8.64 15.39 22.54
CA LYS D 123 9.01 14.60 23.75
C LYS D 123 7.90 14.78 24.80
N LEU D 124 7.14 13.71 25.08
CA LEU D 124 6.02 13.76 26.06
C LEU D 124 6.64 13.92 27.45
N ALA D 125 6.35 15.06 28.08
CA ALA D 125 6.99 15.60 29.30
C ALA D 125 6.02 15.51 30.50
N GLY D 126 4.72 15.64 30.29
CA GLY D 126 3.75 15.51 31.41
C GLY D 126 2.31 15.43 30.97
N ILE D 127 1.37 15.32 31.92
CA ILE D 127 -0.10 15.44 31.68
C ILE D 127 -0.71 16.40 32.71
N LYS D 128 -1.99 16.72 32.54
CA LYS D 128 -2.73 17.78 33.27
C LYS D 128 -4.20 17.62 32.91
N GLY D 129 -5.11 17.88 33.86
CA GLY D 129 -6.54 17.59 33.72
C GLY D 129 -7.18 17.00 34.98
N GLY D 130 -8.52 17.10 35.01
CA GLY D 130 -9.39 16.80 36.15
C GLY D 130 -10.16 15.49 36.03
N ALA D 131 -10.12 14.64 37.07
CA ALA D 131 -10.85 13.36 37.13
C ALA D 131 -11.37 13.00 38.53
N GLY D 132 -12.47 12.26 38.49
CA GLY D 132 -13.16 11.69 39.66
C GLY D 132 -13.26 10.19 39.48
N SER D 133 -14.49 9.70 39.29
CA SER D 133 -14.82 8.33 38.82
C SER D 133 -14.25 8.10 37.42
N ASP D 134 -14.38 9.12 36.57
CA ASP D 134 -13.98 9.15 35.13
C ASP D 134 -12.82 10.14 35.02
N ILE D 135 -12.05 10.13 33.93
CA ILE D 135 -11.12 11.23 33.55
C ILE D 135 -12.00 12.30 32.88
N ASP D 136 -12.26 13.41 33.57
CA ASP D 136 -13.24 14.43 33.12
C ASP D 136 -12.62 15.19 31.94
N ARG D 137 -11.28 15.28 31.92
CA ARG D 137 -10.53 16.31 31.16
C ARG D 137 -9.05 15.94 31.17
N LEU D 138 -8.37 16.01 30.04
CA LEU D 138 -6.95 15.61 29.88
C LEU D 138 -6.28 16.50 28.84
N GLY D 139 -5.05 16.92 29.12
CA GLY D 139 -4.12 17.59 28.17
C GLY D 139 -2.73 17.00 28.32
N LEU D 140 -1.96 16.91 27.25
CA LEU D 140 -0.56 16.46 27.33
C LEU D 140 0.31 17.72 27.40
N ILE D 141 1.57 17.53 27.78
CA ILE D 141 2.56 18.63 27.90
C ILE D 141 3.88 18.15 27.27
N PHE D 142 4.50 18.98 26.43
CA PHE D 142 5.69 18.59 25.63
C PHE D 142 6.87 19.49 26.00
N LEU D 143 8.05 19.32 25.39
CA LEU D 143 9.22 20.23 25.54
C LEU D 143 9.05 21.55 24.75
N LYS D 144 10.04 22.45 24.78
CA LYS D 144 9.98 23.70 23.96
C LYS D 144 11.35 24.08 23.40
N ASP E 5 0.57 41.91 0.22
CA ASP E 5 0.95 41.91 1.66
C ASP E 5 2.32 41.19 1.87
N ASN E 6 2.48 40.50 3.01
CA ASN E 6 3.45 39.41 3.30
C ASN E 6 2.65 38.09 3.35
N TYR E 7 1.39 38.13 2.93
CA TYR E 7 0.34 37.11 3.18
C TYR E 7 -0.33 36.69 1.86
N ILE E 8 -0.70 35.42 1.75
CA ILE E 8 -1.42 34.80 0.60
C ILE E 8 -2.89 34.58 1.01
N TYR E 9 -3.84 35.19 0.31
CA TYR E 9 -5.28 35.12 0.68
C TYR E 9 -5.95 34.07 -0.20
N SER E 10 -6.34 32.94 0.37
CA SER E 10 -7.20 31.93 -0.33
C SER E 10 -8.55 32.58 -0.63
N THR E 11 -9.21 32.22 -1.70
CA THR E 11 -10.58 32.66 -2.02
C THR E 11 -11.50 32.30 -0.85
N GLU E 12 -12.24 33.26 -0.31
CA GLU E 12 -13.28 32.96 0.72
C GLU E 12 -14.44 32.27 0.00
N VAL E 13 -14.85 31.12 0.46
CA VAL E 13 -15.92 30.33 -0.21
C VAL E 13 -17.11 30.24 0.75
N GLY E 14 -18.32 30.22 0.20
CA GLY E 14 -19.59 30.24 0.96
C GLY E 14 -20.38 31.50 0.66
N GLY E 15 -21.31 31.86 1.53
CA GLY E 15 -22.25 32.97 1.27
C GLY E 15 -21.73 34.34 1.69
N VAL E 16 -22.52 35.37 1.40
CA VAL E 16 -22.28 36.80 1.76
C VAL E 16 -22.72 37.08 3.20
N GLY E 17 -23.57 36.22 3.79
CA GLY E 17 -24.26 36.49 5.07
C GLY E 17 -23.36 36.36 6.29
N GLY E 18 -23.96 36.39 7.50
CA GLY E 18 -23.23 36.41 8.79
C GLY E 18 -22.47 37.71 9.03
N THR E 19 -21.78 37.76 10.17
CA THR E 19 -20.92 38.88 10.60
C THR E 19 -19.47 38.61 10.19
N PRO E 20 -18.80 39.52 9.44
CA PRO E 20 -17.38 39.38 9.10
C PRO E 20 -16.43 39.12 10.28
N PHE E 21 -15.38 38.32 10.08
CA PHE E 21 -14.23 38.18 11.01
C PHE E 21 -12.93 38.13 10.22
N THR E 22 -11.85 38.54 10.87
CA THR E 22 -10.43 38.43 10.43
C THR E 22 -9.59 38.13 11.66
N PHE E 23 -8.92 36.98 11.70
CA PHE E 23 -8.00 36.58 12.80
C PHE E 23 -6.57 36.54 12.28
N MET E 24 -5.68 37.46 12.73
CA MET E 24 -4.23 37.45 12.37
C MET E 24 -3.42 38.20 13.41
N GLN E 25 -2.11 37.94 13.53
CA GLN E 25 -1.21 38.59 14.53
C GLN E 25 0.25 38.62 14.07
N GLY E 28 2.42 36.06 16.15
CA GLY E 28 2.88 34.92 15.32
C GLY E 28 1.76 34.26 14.49
N THR E 29 2.00 33.05 14.01
CA THR E 29 1.07 32.24 13.19
C THR E 29 0.06 31.45 14.02
N ILE E 30 -0.90 30.75 13.40
CA ILE E 30 -1.92 29.87 14.06
C ILE E 30 -1.21 28.69 14.76
N THR E 31 -1.64 28.37 15.97
CA THR E 31 -1.08 27.25 16.75
C THR E 31 -2.17 26.26 17.16
N SER E 32 -3.43 26.65 17.07
CA SER E 32 -4.58 25.74 17.34
C SER E 32 -5.77 26.26 16.52
N ILE E 33 -6.56 25.37 15.95
CA ILE E 33 -7.84 25.78 15.32
C ILE E 33 -8.85 24.67 15.60
N LYS E 34 -10.07 25.04 15.91
CA LYS E 34 -11.14 24.06 16.24
C LYS E 34 -12.34 24.33 15.34
N PHE E 35 -13.03 23.29 14.90
CA PHE E 35 -14.24 23.40 14.06
C PHE E 35 -15.40 22.69 14.73
N ASN E 36 -16.54 23.33 14.84
CA ASN E 36 -17.77 22.70 15.35
C ASN E 36 -18.66 22.45 14.14
N TRP E 37 -19.38 21.33 14.08
CA TRP E 37 -20.32 21.09 12.95
C TRP E 37 -21.45 20.18 13.44
N SER E 38 -22.52 20.06 12.66
CA SER E 38 -23.76 19.32 13.03
C SER E 38 -24.01 18.22 11.99
N ASP E 39 -24.52 17.07 12.42
CA ASP E 39 -25.10 16.06 11.48
C ASP E 39 -26.48 16.53 11.02
N GLN E 40 -27.16 17.43 11.75
CA GLN E 40 -28.56 17.81 11.41
C GLN E 40 -28.55 18.80 10.22
N TYR E 41 -27.61 19.75 10.23
CA TYR E 41 -27.50 20.85 9.23
C TYR E 41 -26.35 20.57 8.24
N LYS E 42 -25.40 19.70 8.56
CA LYS E 42 -24.25 19.32 7.68
C LYS E 42 -23.48 20.58 7.24
N LEU E 43 -23.29 21.52 8.18
CA LEU E 43 -22.53 22.78 8.02
C LEU E 43 -21.50 22.85 9.12
N LEU E 44 -20.45 23.66 8.94
CA LEU E 44 -19.71 24.25 10.07
C LEU E 44 -20.62 25.29 10.74
N HIS E 45 -20.58 25.38 12.06
CA HIS E 45 -21.36 26.35 12.86
C HIS E 45 -20.41 27.33 13.56
N HIS E 46 -19.21 26.92 13.95
CA HIS E 46 -18.37 27.70 14.88
C HIS E 46 -16.89 27.34 14.69
N ILE E 47 -16.02 28.34 14.79
CA ILE E 47 -14.55 28.15 14.68
C ILE E 47 -13.93 28.88 15.86
N GLU E 48 -12.85 28.34 16.43
CA GLU E 48 -11.98 29.03 17.41
C GLU E 48 -10.55 28.92 16.92
N VAL E 49 -9.72 29.90 17.22
CA VAL E 49 -8.30 29.95 16.79
C VAL E 49 -7.45 30.46 17.95
N LYS E 50 -6.27 29.89 18.20
CA LYS E 50 -5.27 30.49 19.12
C LYS E 50 -4.02 30.77 18.30
N PHE E 51 -3.19 31.70 18.78
CA PHE E 51 -1.98 32.12 18.06
C PHE E 51 -0.79 31.92 18.98
N ILE E 52 0.36 31.71 18.36
CA ILE E 52 1.71 31.66 18.98
C ILE E 52 1.86 32.89 19.87
N ASN E 53 2.39 32.74 21.10
CA ASN E 53 2.76 33.88 21.99
C ASN E 53 1.55 34.80 22.24
N ASN E 54 0.35 34.25 22.45
CA ASN E 54 -0.92 35.01 22.64
C ASN E 54 -2.00 34.06 23.17
N ALA E 55 -2.45 34.31 24.40
CA ALA E 55 -3.32 33.40 25.19
C ALA E 55 -4.79 33.55 24.80
N ASN E 56 -5.12 34.47 23.90
CA ASN E 56 -6.52 34.79 23.48
C ASN E 56 -7.13 33.69 22.62
N ILE E 57 -8.35 33.28 22.98
CA ILE E 57 -9.27 32.39 22.20
C ILE E 57 -10.14 33.33 21.36
N TYR E 58 -9.92 33.34 20.05
CA TYR E 58 -10.68 34.11 19.01
C TYR E 58 -11.77 33.18 18.43
N ALA E 59 -13.01 33.34 18.86
CA ALA E 59 -14.14 32.49 18.43
C ALA E 59 -15.01 33.27 17.44
N THR E 60 -15.98 32.60 16.81
CA THR E 60 -16.96 33.18 15.89
C THR E 60 -17.94 32.08 15.50
N GLY E 61 -19.21 32.40 15.34
CA GLY E 61 -20.26 31.43 15.05
C GLY E 61 -20.84 30.86 16.33
N ASP E 62 -21.92 30.10 16.22
CA ASP E 62 -22.68 29.50 17.34
C ASP E 62 -22.32 28.03 17.46
N PRO E 63 -21.64 27.57 18.54
CA PRO E 63 -21.17 26.19 18.63
C PRO E 63 -22.29 25.20 19.00
N LYS E 64 -23.31 25.07 18.14
CA LYS E 64 -24.57 24.31 18.40
C LYS E 64 -24.44 22.86 17.89
N GLY E 65 -23.37 22.54 17.18
CA GLY E 65 -23.19 21.26 16.49
C GLY E 65 -22.72 20.18 17.43
N ASN E 66 -23.03 18.91 17.11
CA ASN E 66 -22.80 17.70 17.93
C ASN E 66 -21.36 17.16 17.78
N HIS E 67 -20.53 17.74 16.90
CA HIS E 67 -19.12 17.32 16.68
C HIS E 67 -18.17 18.49 16.82
N GLU E 68 -16.94 18.29 17.30
CA GLU E 68 -15.83 19.22 17.06
C GLU E 68 -14.52 18.48 16.86
N VAL E 69 -13.55 19.14 16.25
CA VAL E 69 -12.15 18.63 16.13
C VAL E 69 -11.24 19.81 16.36
N ILE E 70 -10.08 19.56 16.93
CA ILE E 70 -9.02 20.57 17.16
C ILE E 70 -7.78 20.07 16.45
N LEU E 71 -7.12 20.91 15.69
CA LEU E 71 -5.79 20.58 15.14
C LEU E 71 -4.77 21.50 15.80
N GLU E 72 -3.80 20.95 16.48
CA GLU E 72 -2.70 21.78 17.04
C GLU E 72 -1.62 21.83 15.96
N ILE E 73 -1.03 22.98 15.73
CA ILE E 73 0.06 23.11 14.73
C ILE E 73 1.35 23.50 15.44
N ASP E 74 2.35 22.62 15.40
CA ASP E 74 3.72 22.88 15.90
C ASP E 74 4.20 24.16 15.18
N ASP E 75 5.12 24.90 15.79
CA ASP E 75 5.58 26.24 15.33
C ASP E 75 6.11 26.07 13.91
N ASP E 76 6.89 25.03 13.64
CA ASP E 76 7.65 24.83 12.37
C ASP E 76 6.83 24.03 11.34
N GLU E 77 5.57 23.65 11.67
CA GLU E 77 4.68 22.74 10.90
C GLU E 77 3.84 23.54 9.89
N THR E 78 3.94 23.25 8.59
CA THR E 78 3.15 23.92 7.52
C THR E 78 1.96 23.05 7.13
N ILE E 79 0.97 23.62 6.45
CA ILE E 79 -0.14 22.88 5.81
C ILE E 79 0.32 22.51 4.40
N ILE E 80 0.25 21.22 4.04
CA ILE E 80 0.73 20.72 2.71
C ILE E 80 -0.47 20.32 1.83
N GLY E 81 -1.64 20.12 2.44
CA GLY E 81 -2.89 19.79 1.76
C GLY E 81 -4.06 20.38 2.53
N SER E 82 -4.99 21.00 1.83
CA SER E 82 -6.12 21.77 2.40
C SER E 82 -7.29 21.81 1.43
N VAL E 83 -8.46 21.37 1.88
CA VAL E 83 -9.72 21.41 1.11
C VAL E 83 -10.84 21.98 1.97
N ILE E 84 -11.59 22.96 1.47
CA ILE E 84 -12.82 23.49 2.14
C ILE E 84 -14.01 23.06 1.29
N GLY E 85 -14.97 22.38 1.91
CA GLY E 85 -16.29 22.12 1.33
C GLY E 85 -17.18 23.31 1.65
N TYR E 86 -18.08 23.67 0.73
CA TYR E 86 -19.00 24.81 0.87
C TYR E 86 -20.18 24.66 -0.10
N LYS E 87 -21.31 25.31 0.24
CA LYS E 87 -22.42 25.61 -0.66
C LYS E 87 -22.12 26.95 -1.32
N LYS E 88 -22.20 27.00 -2.66
CA LYS E 88 -21.86 28.22 -3.43
C LYS E 88 -23.12 29.08 -3.47
N GLY E 89 -22.95 30.37 -3.76
CA GLY E 89 -24.06 31.32 -3.88
C GLY E 89 -24.07 32.31 -2.74
N ASN E 90 -24.78 33.42 -2.89
CA ASN E 90 -24.95 34.48 -1.88
C ASN E 90 -25.51 33.81 -0.61
N ASP E 91 -26.49 32.93 -0.77
CA ASP E 91 -27.22 32.09 0.22
C ASP E 91 -26.31 31.07 0.94
N GLY E 92 -25.01 31.04 0.61
CA GLY E 92 -24.12 29.88 0.76
C GLY E 92 -23.62 29.71 2.18
N ARG E 93 -22.97 28.60 2.47
CA ARG E 93 -22.42 28.24 3.81
C ARG E 93 -21.16 27.44 3.59
N CYS E 94 -20.20 27.50 4.50
CA CYS E 94 -19.02 26.63 4.51
C CYS E 94 -19.40 25.31 5.23
N THR E 95 -19.06 24.14 4.69
CA THR E 95 -19.68 22.85 5.15
C THR E 95 -18.63 21.90 5.73
N GLY E 96 -17.36 22.03 5.34
CA GLY E 96 -16.29 21.12 5.77
C GLY E 96 -14.91 21.71 5.62
N VAL E 97 -13.95 21.21 6.41
CA VAL E 97 -12.49 21.43 6.20
C VAL E 97 -11.73 20.12 6.41
N LYS E 98 -10.93 19.72 5.41
CA LYS E 98 -9.82 18.73 5.52
C LYS E 98 -8.51 19.55 5.52
N LEU E 99 -7.63 19.31 6.50
CA LEU E 99 -6.24 19.84 6.50
C LEU E 99 -5.28 18.70 6.76
N THR E 100 -4.13 18.73 6.10
CA THR E 100 -3.01 17.77 6.26
C THR E 100 -1.73 18.60 6.43
N THR E 101 -0.88 18.20 7.40
CA THR E 101 0.30 19.00 7.79
C THR E 101 1.57 18.38 7.26
N SER E 102 2.67 19.12 7.39
CA SER E 102 4.03 18.68 7.00
C SER E 102 4.54 17.60 7.96
N LYS E 103 3.73 17.18 8.94
CA LYS E 103 4.11 16.15 9.94
C LYS E 103 3.08 15.03 9.96
N GLY E 104 2.29 14.87 8.90
CA GLY E 104 1.39 13.71 8.77
C GLY E 104 0.16 13.86 9.64
N LYS E 105 -0.06 15.01 10.24
CA LYS E 105 -1.32 15.25 10.99
C LYS E 105 -2.39 15.57 9.97
N SER E 106 -3.62 15.16 10.23
CA SER E 106 -4.78 15.63 9.45
C SER E 106 -6.04 15.77 10.31
N ILE E 107 -6.91 16.71 9.97
CA ILE E 107 -8.32 16.72 10.47
C ILE E 107 -9.27 16.69 9.30
N MET E 108 -10.45 16.16 9.58
CA MET E 108 -11.63 16.21 8.70
C MET E 108 -12.79 16.69 9.57
N ALA E 109 -13.36 17.83 9.20
CA ALA E 109 -14.53 18.46 9.86
C ALA E 109 -15.66 18.58 8.85
N GLY E 110 -16.82 18.10 9.19
CA GLY E 110 -18.09 18.36 8.48
C GLY E 110 -18.11 17.64 7.17
N TYR E 111 -18.80 18.24 6.19
CA TYR E 111 -19.30 17.52 5.01
C TYR E 111 -18.75 18.18 3.74
N PHE E 112 -18.80 17.43 2.64
CA PHE E 112 -18.24 17.80 1.34
C PHE E 112 -19.21 17.31 0.26
N GLU E 113 -20.50 17.57 0.39
CA GLU E 113 -21.54 17.06 -0.52
C GLU E 113 -21.80 18.00 -1.70
N GLU E 114 -21.14 19.16 -1.81
CA GLU E 114 -21.46 20.11 -2.90
C GLU E 114 -20.20 20.68 -3.55
N SER E 115 -19.58 21.74 -3.06
CA SER E 115 -18.47 22.39 -3.78
C SER E 115 -17.19 22.27 -2.96
N LEU E 116 -16.05 22.43 -3.61
CA LEU E 116 -14.73 22.24 -2.97
C LEU E 116 -13.76 23.27 -3.52
N ILE E 117 -12.87 23.72 -2.67
CA ILE E 117 -11.67 24.48 -3.10
C ILE E 117 -10.48 23.72 -2.54
N THR E 118 -9.50 23.47 -3.39
CA THR E 118 -8.18 22.98 -2.97
C THR E 118 -7.32 24.23 -2.91
N THR E 119 -6.94 24.63 -1.70
CA THR E 119 -6.37 25.97 -1.48
C THR E 119 -4.88 25.96 -1.77
N TYR E 120 -4.28 27.14 -1.77
CA TYR E 120 -2.81 27.35 -1.69
C TYR E 120 -2.37 26.69 -0.40
N THR E 121 -1.08 26.47 -0.25
CA THR E 121 -0.49 25.76 0.92
C THR E 121 0.71 26.56 1.44
N GLY E 122 1.07 26.32 2.69
CA GLY E 122 2.17 26.99 3.40
C GLY E 122 1.86 27.06 4.88
N LYS E 123 2.53 27.99 5.58
CA LYS E 123 2.34 28.27 7.01
C LYS E 123 0.97 28.92 7.25
N LEU E 124 0.02 28.23 7.89
CA LEU E 124 -1.34 28.79 8.15
C LEU E 124 -1.19 29.88 9.18
N ALA E 125 -1.46 31.12 8.78
CA ALA E 125 -1.20 32.38 9.50
C ALA E 125 -2.51 32.97 10.03
N GLY E 126 -3.62 32.81 9.30
CA GLY E 126 -4.93 33.30 9.77
C GLY E 126 -6.09 32.74 8.98
N ILE E 127 -7.30 33.09 9.43
CA ILE E 127 -8.58 32.87 8.75
C ILE E 127 -9.34 34.19 8.68
N LYS E 128 -10.45 34.18 7.96
CA LYS E 128 -11.24 35.36 7.55
C LYS E 128 -12.53 34.78 6.99
N GLY E 129 -13.64 35.48 7.12
CA GLY E 129 -14.94 34.96 6.71
C GLY E 129 -16.08 35.67 7.38
N GLY E 130 -17.27 35.09 7.30
CA GLY E 130 -18.50 35.55 7.98
C GLY E 130 -19.16 34.38 8.69
N ALA E 131 -19.72 34.64 9.89
CA ALA E 131 -20.44 33.61 10.69
C ALA E 131 -21.63 34.24 11.44
N GLY E 132 -22.74 33.50 11.49
CA GLY E 132 -23.90 33.75 12.36
C GLY E 132 -24.15 32.52 13.19
N SER E 133 -25.29 31.87 12.94
CA SER E 133 -25.66 30.52 13.43
C SER E 133 -24.69 29.48 12.84
N ASP E 134 -24.35 29.65 11.57
CA ASP E 134 -23.50 28.77 10.72
C ASP E 134 -22.24 29.59 10.40
N ILE E 135 -21.17 28.93 9.92
CA ILE E 135 -20.02 29.60 9.25
C ILE E 135 -20.47 29.89 7.81
N ASP E 136 -20.76 31.13 7.47
CA ASP E 136 -21.33 31.56 6.17
C ASP E 136 -20.27 31.40 5.08
N ARG E 137 -18.99 31.58 5.45
CA ARG E 137 -17.92 31.88 4.47
C ARG E 137 -16.58 31.76 5.19
N LEU E 138 -15.58 31.16 4.55
CA LEU E 138 -14.24 30.98 5.10
C LEU E 138 -13.18 31.15 4.01
N GLY E 139 -12.11 31.87 4.35
CA GLY E 139 -10.84 31.91 3.60
C GLY E 139 -9.67 31.73 4.53
N LEU E 140 -8.64 31.04 4.08
CA LEU E 140 -7.39 30.86 4.86
C LEU E 140 -6.42 31.93 4.42
N ILE E 141 -5.39 32.17 5.22
CA ILE E 141 -4.34 33.18 4.92
C ILE E 141 -2.99 32.58 5.31
N PHE E 142 -2.03 32.60 4.40
CA PHE E 142 -0.72 31.88 4.48
C PHE E 142 0.38 32.94 4.34
N LEU E 143 1.68 32.60 4.37
CA LEU E 143 2.78 33.61 4.23
C LEU E 143 3.87 33.16 3.26
N LYS E 144 4.56 34.04 2.50
CA LYS E 144 5.82 33.74 1.77
C LYS E 144 7.00 34.44 2.48
N SER F 10 20.00 -24.47 13.69
CA SER F 10 18.60 -24.08 14.14
C SER F 10 18.07 -25.24 14.95
N THR F 11 17.24 -24.95 15.96
CA THR F 11 16.56 -25.98 16.77
C THR F 11 15.75 -26.88 15.84
N GLU F 12 16.00 -28.18 15.90
CA GLU F 12 15.20 -29.20 15.19
C GLU F 12 13.86 -29.28 15.89
N VAL F 13 12.76 -29.13 15.18
CA VAL F 13 11.42 -29.11 15.82
C VAL F 13 10.63 -30.33 15.34
N GLY F 14 9.78 -30.87 16.21
CA GLY F 14 8.96 -32.07 15.94
C GLY F 14 9.31 -33.18 16.91
N GLY F 15 9.07 -34.43 16.52
CA GLY F 15 9.22 -35.59 17.41
C GLY F 15 10.64 -36.16 17.41
N VAL F 16 10.81 -37.17 18.26
CA VAL F 16 12.08 -37.94 18.46
C VAL F 16 12.18 -39.06 17.40
N GLY F 17 11.07 -39.44 16.75
CA GLY F 17 10.98 -40.66 15.91
C GLY F 17 11.64 -40.50 14.54
N GLY F 18 11.41 -41.47 13.65
CA GLY F 18 12.04 -41.58 12.32
C GLY F 18 13.55 -41.82 12.37
N THR F 19 14.17 -41.91 11.19
CA THR F 19 15.61 -42.19 11.00
C THR F 19 16.37 -40.88 10.84
N PRO F 20 17.43 -40.60 11.64
CA PRO F 20 18.25 -39.40 11.49
C PRO F 20 18.81 -39.11 10.09
N PHE F 21 18.90 -37.84 9.71
CA PHE F 21 19.67 -37.38 8.53
C PHE F 21 20.42 -36.09 8.87
N THR F 22 21.52 -35.87 8.13
CA THR F 22 22.33 -34.62 8.11
C THR F 22 22.88 -34.44 6.68
N PHE F 23 22.52 -33.35 5.99
CA PHE F 23 23.01 -33.04 4.62
C PHE F 23 23.86 -31.78 4.64
N MET F 24 25.17 -31.85 4.27
CA MET F 24 26.07 -30.66 4.21
C MET F 24 27.25 -30.90 3.29
N GLN F 25 27.93 -29.82 2.84
CA GLN F 25 29.13 -29.84 1.97
C GLN F 25 29.95 -28.56 2.19
N THR F 29 26.98 -24.77 -0.21
CA THR F 29 25.65 -24.24 0.18
C THR F 29 24.52 -24.89 -0.66
N ILE F 30 23.32 -24.89 -0.10
CA ILE F 30 22.07 -25.42 -0.75
C ILE F 30 21.70 -24.55 -1.95
N THR F 31 21.30 -25.21 -3.03
CA THR F 31 20.94 -24.53 -4.30
C THR F 31 19.51 -24.93 -4.70
N SER F 32 18.97 -25.99 -4.13
CA SER F 32 17.58 -26.43 -4.40
C SER F 32 17.09 -27.18 -3.18
N ILE F 33 15.82 -26.99 -2.79
CA ILE F 33 15.20 -27.80 -1.73
C ILE F 33 13.75 -28.04 -2.12
N LYS F 34 13.23 -29.23 -1.86
CA LYS F 34 11.85 -29.61 -2.22
C LYS F 34 11.17 -30.19 -0.99
N PHE F 35 9.90 -29.92 -0.78
CA PHE F 35 9.09 -30.42 0.36
C PHE F 35 7.86 -31.13 -0.19
N ASN F 36 7.59 -32.34 0.26
CA ASN F 36 6.38 -33.11 -0.14
C ASN F 36 5.43 -33.06 1.05
N TRP F 37 4.13 -32.89 0.86
CA TRP F 37 3.18 -32.89 2.00
C TRP F 37 1.83 -33.42 1.52
N SER F 38 0.93 -33.74 2.46
CA SER F 38 -0.38 -34.38 2.17
C SER F 38 -1.50 -33.51 2.71
N ASP F 39 -2.62 -33.43 2.01
CA ASP F 39 -3.89 -32.89 2.58
C ASP F 39 -4.50 -33.91 3.54
N GLN F 40 -4.17 -35.20 3.40
CA GLN F 40 -4.80 -36.29 4.16
C GLN F 40 -4.26 -36.29 5.61
N TYR F 41 -2.94 -36.10 5.79
CA TYR F 41 -2.23 -36.18 7.08
C TYR F 41 -1.82 -34.77 7.56
N LYS F 42 -1.78 -33.76 6.68
CA LYS F 42 -1.40 -32.35 7.01
C LYS F 42 -0.02 -32.30 7.67
N LEU F 43 0.91 -33.11 7.14
CA LEU F 43 2.33 -33.19 7.58
C LEU F 43 3.22 -32.98 6.36
N LEU F 44 4.48 -32.61 6.55
CA LEU F 44 5.56 -32.94 5.59
C LEU F 44 5.81 -34.45 5.67
N HIS F 45 6.07 -35.07 4.52
CA HIS F 45 6.37 -36.50 4.39
C HIS F 45 7.79 -36.71 3.90
N HIS F 46 8.34 -35.80 3.08
CA HIS F 46 9.60 -36.07 2.35
C HIS F 46 10.30 -34.75 1.99
N ILE F 47 11.63 -34.73 2.04
CA ILE F 47 12.44 -33.54 1.66
C ILE F 47 13.55 -34.02 0.74
N GLU F 48 13.91 -33.22 -0.25
CA GLU F 48 15.07 -33.43 -1.15
C GLU F 48 15.90 -32.15 -1.15
N VAL F 49 17.20 -32.25 -1.35
CA VAL F 49 18.14 -31.10 -1.33
C VAL F 49 19.20 -31.32 -2.41
N LYS F 50 19.60 -30.30 -3.15
CA LYS F 50 20.78 -30.33 -4.04
C LYS F 50 21.75 -29.27 -3.54
N PHE F 51 23.03 -29.42 -3.87
CA PHE F 51 24.10 -28.50 -3.43
C PHE F 51 24.81 -27.97 -4.65
N ILE F 52 25.37 -26.78 -4.51
CA ILE F 52 26.30 -26.12 -5.47
C ILE F 52 27.36 -27.14 -5.87
N ASN F 53 27.69 -27.23 -7.17
CA ASN F 53 28.84 -28.02 -7.70
C ASN F 53 28.76 -29.49 -7.24
N ASN F 54 27.56 -30.09 -7.29
CA ASN F 54 27.27 -31.48 -6.86
C ASN F 54 25.85 -31.86 -7.34
N ALA F 55 25.78 -32.82 -8.27
CA ALA F 55 24.57 -33.16 -9.04
C ALA F 55 23.65 -34.11 -8.25
N ASN F 56 24.07 -34.52 -7.05
CA ASN F 56 23.35 -35.52 -6.22
C ASN F 56 22.08 -34.93 -5.60
N ILE F 57 20.99 -35.70 -5.70
CA ILE F 57 19.71 -35.55 -4.94
C ILE F 57 19.86 -36.30 -3.61
N TYR F 58 19.91 -35.58 -2.49
CA TYR F 58 19.88 -36.10 -1.09
C TYR F 58 18.42 -36.05 -0.59
N ALA F 59 17.72 -37.18 -0.60
CA ALA F 59 16.31 -37.30 -0.19
C ALA F 59 16.23 -37.93 1.20
N THR F 60 15.03 -37.99 1.78
CA THR F 60 14.73 -38.58 3.10
C THR F 60 13.22 -38.48 3.33
N GLY F 61 12.60 -39.47 3.97
CA GLY F 61 11.14 -39.53 4.13
C GLY F 61 10.49 -40.20 2.95
N ASP F 62 9.18 -40.48 3.04
CA ASP F 62 8.38 -41.20 2.02
C ASP F 62 7.54 -40.19 1.25
N PRO F 63 7.79 -39.95 -0.06
CA PRO F 63 7.09 -38.90 -0.79
C PRO F 63 5.66 -39.32 -1.22
N LYS F 64 4.79 -39.59 -0.25
CA LYS F 64 3.42 -40.16 -0.43
C LYS F 64 2.38 -39.03 -0.50
N GLY F 65 2.79 -37.79 -0.28
CA GLY F 65 1.88 -36.64 -0.24
C GLY F 65 1.50 -36.17 -1.64
N ASN F 66 0.33 -35.53 -1.76
CA ASN F 66 -0.31 -35.10 -3.04
C ASN F 66 0.22 -33.73 -3.52
N HIS F 67 1.07 -33.04 -2.75
CA HIS F 67 1.64 -31.71 -3.13
C HIS F 67 3.17 -31.75 -3.02
N GLU F 68 3.88 -30.95 -3.81
CA GLU F 68 5.30 -30.58 -3.50
C GLU F 68 5.60 -29.15 -3.94
N VAL F 69 6.67 -28.58 -3.40
CA VAL F 69 7.19 -27.24 -3.77
C VAL F 69 8.69 -27.32 -3.82
N ILE F 70 9.29 -26.60 -4.75
CA ILE F 70 10.76 -26.55 -4.96
C ILE F 70 11.16 -25.09 -4.88
N LEU F 71 12.18 -24.78 -4.10
CA LEU F 71 12.76 -23.43 -4.12
C LEU F 71 14.17 -23.52 -4.66
N GLU F 72 14.47 -22.84 -5.75
CA GLU F 72 15.86 -22.78 -6.26
C GLU F 72 16.49 -21.54 -5.64
N ILE F 73 17.71 -21.64 -5.15
CA ILE F 73 18.40 -20.48 -4.52
C ILE F 73 19.63 -20.11 -5.33
N ASP F 74 19.62 -18.90 -5.88
CA ASP F 74 20.77 -18.30 -6.60
C ASP F 74 21.98 -18.37 -5.65
N ASP F 75 23.19 -18.37 -6.18
CA ASP F 75 24.46 -18.57 -5.41
C ASP F 75 24.52 -17.50 -4.32
N ASP F 76 24.20 -16.25 -4.65
CA ASP F 76 24.42 -15.06 -3.77
C ASP F 76 23.16 -14.75 -2.93
N GLU F 77 22.11 -15.58 -3.04
CA GLU F 77 20.76 -15.39 -2.42
C GLU F 77 20.71 -16.00 -1.01
N THR F 78 20.43 -15.21 0.03
CA THR F 78 20.32 -15.68 1.45
C THR F 78 18.83 -15.87 1.80
N ILE F 79 18.53 -16.62 2.86
CA ILE F 79 17.17 -16.75 3.43
C ILE F 79 17.02 -15.62 4.47
N ILE F 80 16.00 -14.78 4.37
CA ILE F 80 15.80 -13.59 5.27
C ILE F 80 14.62 -13.82 6.22
N GLY F 81 13.80 -14.81 5.92
CA GLY F 81 12.62 -15.18 6.71
C GLY F 81 12.39 -16.65 6.52
N SER F 82 12.08 -17.35 7.60
CA SER F 82 11.96 -18.82 7.67
C SER F 82 11.10 -19.20 8.87
N VAL F 83 10.03 -19.94 8.62
CA VAL F 83 9.11 -20.45 9.66
C VAL F 83 8.86 -21.93 9.42
N ILE F 84 9.05 -22.78 10.45
CA ILE F 84 8.67 -24.22 10.40
C ILE F 84 7.47 -24.41 11.33
N GLY F 85 6.38 -24.96 10.79
CA GLY F 85 5.25 -25.44 11.58
C GLY F 85 5.55 -26.88 11.98
N TYR F 86 5.10 -27.27 13.17
CA TYR F 86 5.35 -28.61 13.76
C TYR F 86 4.35 -28.91 14.87
N LYS F 87 4.10 -30.19 15.11
CA LYS F 87 3.46 -30.72 16.35
C LYS F 87 4.59 -30.99 17.34
N LYS F 88 4.46 -30.46 18.56
CA LYS F 88 5.52 -30.58 19.60
C LYS F 88 5.29 -31.93 20.30
N GLY F 89 6.30 -32.45 21.00
CA GLY F 89 6.20 -33.68 21.81
C GLY F 89 6.99 -34.82 21.19
N ASN F 90 7.23 -35.89 21.94
CA ASN F 90 8.01 -37.07 21.48
C ASN F 90 7.37 -37.60 20.18
N ASP F 91 6.04 -37.72 20.15
CA ASP F 91 5.26 -38.29 19.01
C ASP F 91 5.01 -37.18 17.96
N GLY F 92 5.86 -36.14 17.96
CA GLY F 92 5.65 -34.93 17.16
C GLY F 92 6.04 -35.14 15.70
N ARG F 93 5.67 -34.20 14.83
CA ARG F 93 5.92 -34.24 13.38
C ARG F 93 6.12 -32.79 12.92
N CYS F 94 6.93 -32.57 11.89
CA CYS F 94 7.03 -31.26 11.24
C CYS F 94 5.89 -31.12 10.19
N THR F 95 5.15 -30.01 10.14
CA THR F 95 3.86 -29.93 9.40
C THR F 95 3.92 -28.92 8.26
N GLY F 96 4.80 -27.93 8.29
CA GLY F 96 4.86 -26.84 7.30
C GLY F 96 6.25 -26.19 7.24
N VAL F 97 6.58 -25.59 6.09
CA VAL F 97 7.72 -24.65 5.91
C VAL F 97 7.29 -23.46 5.05
N LYS F 98 7.46 -22.22 5.56
CA LYS F 98 7.55 -20.96 4.78
C LYS F 98 9.05 -20.57 4.72
N LEU F 99 9.59 -20.28 3.53
CA LEU F 99 10.90 -19.60 3.38
C LEU F 99 10.73 -18.40 2.47
N THR F 100 11.45 -17.32 2.76
CA THR F 100 11.52 -16.07 1.98
C THR F 100 13.00 -15.72 1.79
N THR F 101 13.37 -15.31 0.57
CA THR F 101 14.79 -15.09 0.19
C THR F 101 15.10 -13.60 0.12
N SER F 102 16.38 -13.29 -0.01
CA SER F 102 16.88 -11.90 -0.16
C SER F 102 16.52 -11.34 -1.55
N LYS F 103 15.80 -12.11 -2.37
CA LYS F 103 15.36 -11.67 -3.74
C LYS F 103 13.86 -11.82 -3.88
N GLY F 104 13.11 -11.82 -2.78
CA GLY F 104 11.63 -11.74 -2.85
C GLY F 104 11.02 -13.07 -3.22
N LYS F 105 11.81 -14.13 -3.33
CA LYS F 105 11.26 -15.47 -3.62
C LYS F 105 10.72 -16.02 -2.32
N SER F 106 9.63 -16.77 -2.38
CA SER F 106 9.06 -17.44 -1.19
C SER F 106 8.36 -18.74 -1.56
N ILE F 107 8.42 -19.74 -0.68
CA ILE F 107 7.61 -20.98 -0.81
C ILE F 107 6.82 -21.18 0.48
N MET F 108 5.71 -21.89 0.34
CA MET F 108 4.85 -22.27 1.47
C MET F 108 4.47 -23.72 1.24
N ALA F 109 4.84 -24.59 2.18
CA ALA F 109 4.56 -26.04 2.19
C ALA F 109 3.73 -26.37 3.42
N GLY F 110 2.61 -27.07 3.19
CA GLY F 110 1.90 -27.77 4.26
C GLY F 110 1.24 -26.83 5.23
N TYR F 111 1.12 -27.24 6.50
CA TYR F 111 0.13 -26.65 7.43
C TYR F 111 0.83 -26.05 8.65
N PHE F 112 0.11 -25.16 9.32
CA PHE F 112 0.62 -24.41 10.49
C PHE F 112 -0.46 -24.31 11.56
N GLU F 113 -1.16 -25.40 11.86
CA GLU F 113 -2.30 -25.41 12.81
C GLU F 113 -1.85 -25.67 14.26
N GLU F 114 -0.54 -25.75 14.57
CA GLU F 114 -0.14 -26.00 15.99
C GLU F 114 1.04 -25.13 16.45
N SER F 115 2.29 -25.50 16.21
CA SER F 115 3.45 -24.78 16.78
C SER F 115 4.29 -24.20 15.65
N LEU F 116 5.11 -23.21 15.96
CA LEU F 116 5.91 -22.46 14.96
C LEU F 116 7.26 -22.13 15.57
N ILE F 117 8.28 -22.16 14.77
CA ILE F 117 9.59 -21.55 15.10
C ILE F 117 9.91 -20.57 13.97
N THR F 118 10.31 -19.37 14.32
CA THR F 118 10.95 -18.41 13.39
C THR F 118 12.45 -18.61 13.58
N THR F 119 13.11 -19.15 12.59
CA THR F 119 14.50 -19.61 12.71
C THR F 119 15.49 -18.46 12.57
N TYR F 120 16.75 -18.75 12.85
CA TYR F 120 17.90 -17.88 12.47
C TYR F 120 17.87 -17.76 10.95
N THR F 121 18.61 -16.80 10.42
CA THR F 121 18.59 -16.46 8.98
C THR F 121 20.02 -16.30 8.48
N GLY F 122 20.21 -16.42 7.18
CA GLY F 122 21.52 -16.30 6.49
C GLY F 122 21.52 -17.19 5.24
N LYS F 123 22.72 -17.57 4.80
CA LYS F 123 22.93 -18.54 3.70
C LYS F 123 22.52 -19.94 4.15
N LEU F 124 21.44 -20.50 3.59
CA LEU F 124 21.01 -21.89 3.86
C LEU F 124 22.07 -22.85 3.34
N ALA F 125 22.73 -23.55 4.27
CA ALA F 125 23.95 -24.37 4.08
C ALA F 125 23.64 -25.86 4.20
N GLY F 126 22.69 -26.26 5.06
CA GLY F 126 22.26 -27.67 5.17
C GLY F 126 20.92 -27.83 5.87
N ILE F 127 20.42 -29.06 5.99
CA ILE F 127 19.32 -29.46 6.90
C ILE F 127 19.76 -30.69 7.72
N LYS F 128 18.89 -31.15 8.64
CA LYS F 128 19.21 -32.14 9.69
C LYS F 128 17.89 -32.45 10.39
N GLY F 129 17.68 -33.69 10.86
CA GLY F 129 16.36 -34.10 11.38
C GLY F 129 16.17 -35.61 11.35
N GLY F 130 14.94 -36.06 11.53
CA GLY F 130 14.54 -37.47 11.45
C GLY F 130 13.28 -37.62 10.61
N ALA F 131 13.20 -38.67 9.77
CA ALA F 131 12.05 -38.95 8.87
C ALA F 131 11.79 -40.45 8.75
N GLY F 132 10.52 -40.86 8.76
CA GLY F 132 10.04 -42.19 8.38
C GLY F 132 9.06 -42.07 7.22
N SER F 133 7.79 -42.38 7.49
CA SER F 133 6.62 -42.08 6.63
C SER F 133 6.45 -40.57 6.49
N ASP F 134 6.64 -39.86 7.62
CA ASP F 134 6.46 -38.40 7.80
C ASP F 134 7.86 -37.81 8.08
N ILE F 135 8.04 -36.51 7.94
CA ILE F 135 9.23 -35.77 8.48
C ILE F 135 8.97 -35.58 9.98
N ASP F 136 9.66 -36.32 10.83
CA ASP F 136 9.41 -36.36 12.30
C ASP F 136 9.87 -35.03 12.90
N ARG F 137 10.91 -34.43 12.30
CA ARG F 137 11.77 -33.43 12.94
C ARG F 137 12.66 -32.79 11.88
N LEU F 138 12.76 -31.46 11.88
CA LEU F 138 13.61 -30.73 10.93
C LEU F 138 14.30 -29.54 11.61
N GLY F 139 15.57 -29.32 11.29
CA GLY F 139 16.30 -28.08 11.59
C GLY F 139 17.14 -27.66 10.41
N LEU F 140 17.31 -26.37 10.22
CA LEU F 140 18.11 -25.81 9.11
C LEU F 140 19.50 -25.51 9.67
N ILE F 141 20.46 -25.30 8.82
CA ILE F 141 21.87 -24.97 9.18
C ILE F 141 22.35 -23.83 8.27
N PHE F 142 22.94 -22.79 8.86
CA PHE F 142 23.26 -21.50 8.19
C PHE F 142 24.77 -21.27 8.29
N LEU F 143 25.32 -20.09 7.91
CA LEU F 143 26.77 -19.85 7.61
C LEU F 143 27.38 -18.72 8.47
N LYS F 144 28.22 -17.80 7.90
CA LYS F 144 29.28 -17.00 8.60
C LYS F 144 28.84 -15.54 8.76
N ASP G 5 28.32 -25.04 -16.75
CA ASP G 5 28.22 -24.35 -18.06
C ASP G 5 28.53 -22.84 -17.94
N ASN G 6 27.89 -22.04 -18.81
CA ASN G 6 27.75 -20.57 -18.80
C ASN G 6 26.26 -20.28 -18.48
N TYR G 7 25.51 -21.34 -18.19
CA TYR G 7 24.01 -21.36 -18.11
C TYR G 7 23.61 -22.01 -16.77
N ILE G 8 22.52 -21.52 -16.17
CA ILE G 8 21.87 -22.07 -14.94
C ILE G 8 20.60 -22.84 -15.36
N TYR G 9 20.53 -24.13 -15.06
CA TYR G 9 19.40 -24.98 -15.51
C TYR G 9 18.41 -25.14 -14.36
N SER G 10 17.24 -24.54 -14.48
CA SER G 10 16.11 -24.81 -13.55
C SER G 10 15.71 -26.29 -13.67
N THR G 11 15.28 -26.92 -12.59
CA THR G 11 14.73 -28.28 -12.63
C THR G 11 13.50 -28.28 -13.55
N GLU G 12 13.48 -29.17 -14.52
CA GLU G 12 12.31 -29.37 -15.41
C GLU G 12 11.20 -30.00 -14.57
N VAL G 13 10.01 -29.41 -14.52
CA VAL G 13 8.92 -29.93 -13.66
C VAL G 13 7.78 -30.44 -14.55
N GLY G 14 7.12 -31.50 -14.10
CA GLY G 14 6.01 -32.16 -14.80
C GLY G 14 6.39 -33.59 -15.12
N GLY G 15 5.80 -34.19 -16.15
CA GLY G 15 5.97 -35.64 -16.44
C GLY G 15 7.20 -35.95 -17.30
N VAL G 16 7.42 -37.24 -17.52
CA VAL G 16 8.49 -37.84 -18.36
C VAL G 16 8.06 -37.87 -19.83
N GLY G 17 6.75 -37.72 -20.13
CA GLY G 17 6.19 -37.97 -21.48
C GLY G 17 6.48 -36.86 -22.48
N GLY G 18 5.80 -36.92 -23.63
CA GLY G 18 5.99 -36.03 -24.80
C GLY G 18 7.34 -36.19 -25.49
N THR G 19 7.63 -35.37 -26.49
CA THR G 19 8.90 -35.32 -27.23
C THR G 19 9.83 -34.26 -26.63
N PRO G 20 11.07 -34.60 -26.25
CA PRO G 20 12.04 -33.61 -25.75
C PRO G 20 12.31 -32.40 -26.64
N PHE G 21 12.53 -31.22 -26.05
CA PHE G 21 13.03 -30.01 -26.77
C PHE G 21 14.07 -29.29 -25.92
N THR G 22 14.94 -28.55 -26.62
CA THR G 22 15.90 -27.56 -26.05
C THR G 22 15.97 -26.37 -27.03
N PHE G 23 15.65 -25.16 -26.58
CA PHE G 23 15.82 -23.92 -27.39
C PHE G 23 16.92 -23.03 -26.79
N MET G 24 18.01 -22.79 -27.53
CA MET G 24 19.09 -21.86 -27.14
C MET G 24 19.85 -21.35 -28.36
N GLN G 25 20.63 -20.27 -28.25
CA GLN G 25 21.58 -19.77 -29.28
C GLN G 25 22.76 -19.04 -28.61
N THR G 29 20.06 -14.62 -26.17
CA THR G 29 18.98 -14.63 -25.12
C THR G 29 17.59 -14.49 -25.77
N ILE G 30 16.57 -14.92 -25.04
CA ILE G 30 15.13 -14.86 -25.39
C ILE G 30 14.69 -13.39 -25.47
N THR G 31 13.89 -13.08 -26.48
CA THR G 31 13.34 -11.73 -26.71
C THR G 31 11.81 -11.79 -26.79
N SER G 32 11.23 -12.97 -26.94
CA SER G 32 9.77 -13.15 -26.93
C SER G 32 9.47 -14.59 -26.49
N ILE G 33 8.45 -14.78 -25.69
CA ILE G 33 7.98 -16.15 -25.34
C ILE G 33 6.47 -16.12 -25.24
N LYS G 34 5.80 -17.15 -25.76
CA LYS G 34 4.33 -17.22 -25.73
C LYS G 34 3.90 -18.54 -25.14
N PHE G 35 2.81 -18.59 -24.37
CA PHE G 35 2.29 -19.81 -23.73
C PHE G 35 0.83 -19.97 -24.14
N ASN G 36 0.47 -21.16 -24.62
CA ASN G 36 -0.93 -21.46 -25.02
C ASN G 36 -1.48 -22.37 -23.92
N TRP G 37 -2.71 -22.17 -23.47
CA TRP G 37 -3.32 -23.05 -22.44
C TRP G 37 -4.82 -23.15 -22.66
N SER G 38 -5.48 -24.10 -22.00
CA SER G 38 -6.91 -24.42 -22.20
C SER G 38 -7.66 -24.27 -20.89
N ASP G 39 -8.89 -23.78 -20.91
CA ASP G 39 -9.82 -23.90 -19.76
C ASP G 39 -10.37 -25.32 -19.70
N GLN G 40 -10.34 -26.07 -20.79
CA GLN G 40 -10.96 -27.43 -20.87
C GLN G 40 -10.09 -28.44 -20.11
N TYR G 41 -8.76 -28.36 -20.28
CA TYR G 41 -7.76 -29.31 -19.72
C TYR G 41 -6.98 -28.65 -18.55
N LYS G 42 -6.96 -27.33 -18.44
CA LYS G 42 -6.24 -26.57 -17.37
C LYS G 42 -4.74 -26.90 -17.35
N LEU G 43 -4.16 -27.03 -18.54
CA LEU G 43 -2.72 -27.31 -18.77
C LEU G 43 -2.13 -26.25 -19.68
N LEU G 44 -0.83 -26.07 -19.70
CA LEU G 44 -0.13 -25.54 -20.91
C LEU G 44 -0.18 -26.62 -22.01
N HIS G 45 -0.36 -26.21 -23.27
CA HIS G 45 -0.41 -27.10 -24.45
C HIS G 45 0.75 -26.80 -25.39
N HIS G 46 1.23 -25.56 -25.46
CA HIS G 46 2.15 -25.14 -26.54
C HIS G 46 2.97 -23.93 -26.09
N ILE G 47 4.24 -23.90 -26.47
CA ILE G 47 5.13 -22.73 -26.18
C ILE G 47 5.84 -22.35 -27.46
N GLU G 48 6.04 -21.05 -27.69
CA GLU G 48 6.85 -20.51 -28.79
C GLU G 48 7.88 -19.55 -28.22
N VAL G 49 9.03 -19.43 -28.87
CA VAL G 49 10.14 -18.59 -28.39
C VAL G 49 10.82 -17.93 -29.59
N LYS G 50 11.18 -16.66 -29.51
CA LYS G 50 12.06 -15.99 -30.50
C LYS G 50 13.31 -15.55 -29.75
N PHE G 51 14.40 -15.35 -30.46
CA PHE G 51 15.72 -14.99 -29.89
C PHE G 51 16.18 -13.73 -30.58
N ILE G 52 16.97 -12.96 -29.86
CA ILE G 52 17.75 -11.78 -30.32
C ILE G 52 18.46 -12.17 -31.63
N ASN G 53 18.41 -11.31 -32.65
CA ASN G 53 19.22 -11.44 -33.90
C ASN G 53 18.96 -12.80 -34.57
N ASN G 54 17.69 -13.22 -34.64
CA ASN G 54 17.26 -14.53 -35.23
C ASN G 54 15.72 -14.54 -35.36
N ALA G 55 15.24 -14.54 -36.59
CA ALA G 55 13.84 -14.33 -37.01
C ALA G 55 13.02 -15.61 -36.84
N ASN G 56 13.63 -16.73 -36.44
CA ASN G 56 13.00 -18.07 -36.38
C ASN G 56 12.04 -18.15 -35.18
N ILE G 57 10.83 -18.66 -35.42
CA ILE G 57 9.82 -19.06 -34.39
C ILE G 57 10.08 -20.52 -34.05
N TYR G 58 10.57 -20.81 -32.83
CA TYR G 58 10.78 -22.16 -32.25
C TYR G 58 9.58 -22.55 -31.42
N ALA G 59 8.70 -23.39 -31.96
CA ALA G 59 7.46 -23.84 -31.28
C ALA G 59 7.66 -25.27 -30.75
N THR G 60 6.72 -25.75 -29.96
CA THR G 60 6.65 -27.14 -29.45
C THR G 60 5.32 -27.31 -28.74
N GLY G 61 4.71 -28.49 -28.84
CA GLY G 61 3.37 -28.77 -28.32
C GLY G 61 2.32 -28.40 -29.33
N ASP G 62 1.06 -28.71 -29.03
CA ASP G 62 -0.10 -28.53 -29.93
C ASP G 62 -0.90 -27.31 -29.45
N PRO G 63 -0.96 -26.20 -30.22
CA PRO G 63 -1.61 -24.97 -29.76
C PRO G 63 -3.14 -25.02 -29.86
N LYS G 64 -3.77 -25.97 -29.15
CA LYS G 64 -5.23 -26.28 -29.23
C LYS G 64 -5.97 -25.53 -28.12
N GLY G 65 -5.26 -24.82 -27.24
CA GLY G 65 -5.87 -24.13 -26.08
C GLY G 65 -6.49 -22.82 -26.50
N ASN G 66 -7.50 -22.37 -25.77
CA ASN G 66 -8.37 -21.20 -26.07
C ASN G 66 -7.74 -19.87 -25.59
N HIS G 67 -6.60 -19.89 -24.91
CA HIS G 67 -5.90 -18.68 -24.37
C HIS G 67 -4.44 -18.66 -24.79
N GLU G 68 -3.83 -17.49 -24.94
CA GLU G 68 -2.35 -17.37 -24.98
C GLU G 68 -1.91 -16.04 -24.34
N VAL G 69 -0.65 -15.99 -23.94
CA VAL G 69 -0.02 -14.74 -23.45
C VAL G 69 1.38 -14.69 -24.04
N ILE G 70 1.83 -13.49 -24.35
CA ILE G 70 3.16 -13.24 -24.97
C ILE G 70 3.88 -12.26 -24.05
N LEU G 71 5.12 -12.54 -23.73
CA LEU G 71 5.94 -11.56 -22.98
C LEU G 71 7.09 -11.17 -23.88
N GLU G 72 7.22 -9.90 -24.22
CA GLU G 72 8.39 -9.43 -24.99
C GLU G 72 9.41 -9.00 -23.96
N ILE G 73 10.68 -9.36 -24.14
CA ILE G 73 11.73 -8.98 -23.18
C ILE G 73 12.72 -8.04 -23.85
N ASP G 74 12.82 -6.82 -23.33
CA ASP G 74 13.83 -5.81 -23.72
C ASP G 74 15.20 -6.48 -23.58
N ASP G 75 16.21 -6.02 -24.32
CA ASP G 75 17.54 -6.67 -24.41
C ASP G 75 18.13 -6.72 -23.00
N ASP G 76 18.01 -5.63 -22.23
CA ASP G 76 18.68 -5.45 -20.90
C ASP G 76 17.80 -5.93 -19.75
N GLU G 77 16.62 -6.49 -20.04
CA GLU G 77 15.55 -6.86 -19.05
C GLU G 77 15.73 -8.31 -18.55
N THR G 78 15.90 -8.48 -17.23
CA THR G 78 16.10 -9.82 -16.58
C THR G 78 14.78 -10.28 -15.98
N ILE G 79 14.63 -11.58 -15.73
CA ILE G 79 13.51 -12.14 -14.93
C ILE G 79 13.91 -12.08 -13.44
N ILE G 80 13.07 -11.47 -12.59
CA ILE G 80 13.37 -11.28 -11.14
C ILE G 80 12.47 -12.20 -10.30
N GLY G 81 11.38 -12.69 -10.87
CA GLY G 81 10.47 -13.63 -10.21
C GLY G 81 9.86 -14.56 -11.24
N SER G 82 9.79 -15.85 -10.94
CA SER G 82 9.32 -16.91 -11.85
C SER G 82 8.77 -18.09 -11.06
N VAL G 83 7.53 -18.49 -11.36
CA VAL G 83 6.89 -19.69 -10.75
C VAL G 83 6.27 -20.56 -11.85
N ILE G 84 6.55 -21.86 -11.87
CA ILE G 84 5.85 -22.83 -12.76
C ILE G 84 4.96 -23.71 -11.89
N GLY G 85 3.67 -23.77 -12.23
CA GLY G 85 2.72 -24.75 -11.69
C GLY G 85 2.77 -26.00 -12.52
N TYR G 86 2.63 -27.16 -11.89
CA TYR G 86 2.72 -28.49 -12.55
C TYR G 86 2.03 -29.56 -11.70
N LYS G 87 1.59 -30.64 -12.37
CA LYS G 87 1.24 -31.93 -11.72
C LYS G 87 2.52 -32.75 -11.64
N LYS G 88 2.82 -33.29 -10.46
CA LYS G 88 4.07 -34.04 -10.22
C LYS G 88 3.83 -35.47 -10.65
N GLY G 89 4.92 -36.21 -10.90
CA GLY G 89 4.86 -37.65 -11.20
C GLY G 89 5.19 -37.93 -12.66
N ASN G 90 5.45 -39.20 -12.99
CA ASN G 90 5.81 -39.59 -14.38
C ASN G 90 4.71 -39.11 -15.35
N ASP G 91 3.44 -39.29 -14.98
CA ASP G 91 2.24 -38.95 -15.77
C ASP G 91 1.92 -37.46 -15.68
N GLY G 92 2.90 -36.64 -15.26
CA GLY G 92 2.69 -35.23 -14.89
C GLY G 92 2.60 -34.32 -16.11
N ARG G 93 2.19 -33.08 -15.89
CA ARG G 93 2.03 -32.02 -16.92
C ARG G 93 2.38 -30.69 -16.27
N CYS G 94 2.86 -29.73 -17.05
CA CYS G 94 3.08 -28.35 -16.57
C CYS G 94 1.75 -27.58 -16.75
N THR G 95 1.26 -26.83 -15.76
CA THR G 95 -0.14 -26.32 -15.77
C THR G 95 -0.17 -24.78 -15.83
N GLY G 96 0.90 -24.09 -15.40
CA GLY G 96 0.92 -22.63 -15.30
C GLY G 96 2.33 -22.07 -15.33
N VAL G 97 2.49 -20.83 -15.78
CA VAL G 97 3.71 -19.99 -15.60
C VAL G 97 3.31 -18.56 -15.21
N LYS G 98 3.83 -18.06 -14.09
CA LYS G 98 3.92 -16.61 -13.75
C LYS G 98 5.40 -16.20 -13.97
N LEU G 99 5.65 -15.12 -14.71
CA LEU G 99 7.00 -14.47 -14.77
C LEU G 99 6.83 -12.98 -14.49
N THR G 100 7.81 -12.39 -13.81
CA THR G 100 7.94 -10.95 -13.52
C THR G 100 9.35 -10.49 -13.89
N THR G 101 9.48 -9.35 -14.52
CA THR G 101 10.76 -8.84 -15.08
C THR G 101 11.33 -7.72 -14.21
N SER G 102 12.55 -7.31 -14.54
CA SER G 102 13.26 -6.19 -13.89
C SER G 102 12.63 -4.85 -14.27
N LYS G 103 11.54 -4.85 -15.06
CA LYS G 103 10.84 -3.62 -15.49
C LYS G 103 9.35 -3.70 -15.13
N GLY G 104 8.97 -4.55 -14.20
CA GLY G 104 7.59 -4.62 -13.68
C GLY G 104 6.66 -5.27 -14.68
N LYS G 105 7.17 -5.86 -15.75
CA LYS G 105 6.31 -6.61 -16.70
C LYS G 105 6.05 -7.97 -16.08
N SER G 106 4.86 -8.50 -16.25
CA SER G 106 4.50 -9.82 -15.69
C SER G 106 3.44 -10.50 -16.55
N ILE G 107 3.55 -11.81 -16.69
CA ILE G 107 2.51 -12.64 -17.37
C ILE G 107 2.09 -13.74 -16.42
N MET G 108 0.86 -14.20 -16.62
CA MET G 108 0.27 -15.35 -15.92
C MET G 108 -0.41 -16.18 -17.00
N ALA G 109 0.05 -17.42 -17.16
CA ALA G 109 -0.54 -18.46 -18.01
C ALA G 109 -1.08 -19.61 -17.14
N GLY G 110 -2.36 -19.94 -17.38
CA GLY G 110 -2.93 -21.23 -16.90
C GLY G 110 -3.02 -21.29 -15.36
N TYR G 111 -2.86 -22.48 -14.77
CA TYR G 111 -3.41 -22.82 -13.44
C TYR G 111 -2.27 -23.27 -12.48
N PHE G 112 -2.51 -23.23 -11.17
CA PHE G 112 -1.48 -23.46 -10.12
C PHE G 112 -2.02 -24.25 -8.93
N GLU G 113 -3.01 -25.13 -9.06
CA GLU G 113 -3.71 -25.69 -7.86
C GLU G 113 -3.11 -27.03 -7.41
N GLU G 114 -1.89 -27.38 -7.83
CA GLU G 114 -1.20 -28.59 -7.29
C GLU G 114 0.24 -28.28 -6.87
N SER G 115 1.24 -28.30 -7.73
CA SER G 115 2.65 -28.17 -7.31
C SER G 115 3.24 -26.91 -7.91
N LEU G 116 4.32 -26.41 -7.32
CA LEU G 116 4.96 -25.14 -7.71
C LEU G 116 6.46 -25.30 -7.58
N ILE G 117 7.19 -24.67 -8.48
CA ILE G 117 8.64 -24.41 -8.29
C ILE G 117 8.80 -22.90 -8.41
N THR G 118 9.54 -22.32 -7.48
CA THR G 118 10.03 -20.94 -7.58
C THR G 118 11.46 -21.07 -8.12
N THR G 119 11.69 -20.66 -9.33
CA THR G 119 12.94 -20.97 -10.05
C THR G 119 14.03 -19.97 -9.68
N TYR G 120 15.24 -20.29 -10.10
CA TYR G 120 16.40 -19.37 -10.23
C TYR G 120 15.92 -18.20 -11.09
N THR G 121 16.67 -17.10 -11.05
CA THR G 121 16.34 -15.84 -11.74
C THR G 121 17.60 -15.33 -12.45
N GLY G 122 17.39 -14.48 -13.47
CA GLY G 122 18.46 -13.85 -14.23
C GLY G 122 17.95 -13.54 -15.63
N LYS G 123 18.87 -13.36 -16.58
CA LYS G 123 18.59 -13.14 -18.01
C LYS G 123 18.05 -14.45 -18.62
N LEU G 124 16.78 -14.48 -19.02
CA LEU G 124 16.15 -15.73 -19.55
C LEU G 124 16.76 -15.99 -20.92
N ALA G 125 17.50 -17.11 -21.03
CA ALA G 125 18.37 -17.49 -22.16
C ALA G 125 17.76 -18.61 -22.99
N GLY G 126 17.03 -19.54 -22.37
CA GLY G 126 16.35 -20.61 -23.13
C GLY G 126 15.30 -21.33 -22.30
N ILE G 127 14.64 -22.31 -22.91
CA ILE G 127 13.77 -23.31 -22.25
C ILE G 127 14.18 -24.70 -22.73
N LYS G 128 13.54 -25.73 -22.18
CA LYS G 128 13.89 -27.15 -22.30
C LYS G 128 12.72 -27.89 -21.68
N GLY G 129 12.43 -29.11 -22.11
CA GLY G 129 11.26 -29.85 -21.62
C GLY G 129 10.83 -30.93 -22.59
N GLY G 130 9.62 -31.44 -22.39
CA GLY G 130 8.95 -32.40 -23.28
C GLY G 130 7.53 -31.94 -23.53
N ALA G 131 7.03 -32.11 -24.78
CA ALA G 131 5.65 -31.71 -25.16
C ALA G 131 5.06 -32.67 -26.20
N GLY G 132 3.79 -33.01 -26.05
CA GLY G 132 2.96 -33.70 -27.06
C GLY G 132 1.75 -32.84 -27.38
N SER G 133 0.56 -33.32 -27.00
CA SER G 133 -0.72 -32.55 -26.97
C SER G 133 -0.60 -31.42 -25.94
N ASP G 134 0.03 -31.73 -24.80
CA ASP G 134 0.21 -30.85 -23.62
C ASP G 134 1.71 -30.55 -23.50
N ILE G 135 2.11 -29.55 -22.73
CA ILE G 135 3.50 -29.35 -22.26
C ILE G 135 3.69 -30.30 -21.07
N ASP G 136 4.44 -31.39 -21.27
CA ASP G 136 4.59 -32.49 -20.29
C ASP G 136 5.42 -31.95 -19.12
N ARG G 137 6.36 -31.04 -19.42
CA ARG G 137 7.55 -30.80 -18.61
C ARG G 137 8.23 -29.53 -19.14
N LEU G 138 8.63 -28.63 -18.24
CA LEU G 138 9.28 -27.36 -18.61
C LEU G 138 10.38 -27.02 -17.61
N GLY G 139 11.52 -26.60 -18.14
CA GLY G 139 12.63 -25.99 -17.38
C GLY G 139 13.12 -24.74 -18.06
N LEU G 140 13.47 -23.71 -17.31
CA LEU G 140 14.02 -22.46 -17.90
C LEU G 140 15.53 -22.59 -17.80
N ILE G 141 16.23 -21.73 -18.56
CA ILE G 141 17.73 -21.71 -18.58
C ILE G 141 18.17 -20.25 -18.55
N PHE G 142 19.10 -19.89 -17.68
CA PHE G 142 19.49 -18.48 -17.42
C PHE G 142 20.99 -18.33 -17.68
N LEU G 143 21.43 -17.11 -17.93
CA LEU G 143 22.86 -16.73 -18.04
C LEU G 143 23.52 -16.58 -16.65
N LYS G 144 24.83 -16.31 -16.63
CA LYS G 144 25.72 -16.11 -15.46
C LYS G 144 26.99 -15.48 -16.03
C1 GOL H . -1.00 -19.41 41.07
O1 GOL H . -0.41 -18.10 41.12
C2 GOL H . -0.61 -20.24 39.84
O2 GOL H . -0.25 -21.59 40.13
C3 GOL H . 0.61 -19.72 39.13
O3 GOL H . 0.41 -19.58 37.74
#